data_6LS9
#
_entry.id   6LS9
#
_cell.length_a   116.272
_cell.length_b   104.392
_cell.length_c   98.772
_cell.angle_alpha   90.000
_cell.angle_beta   112.500
_cell.angle_gamma   90.000
#
_symmetry.space_group_name_H-M   'C 1 2 1'
#
loop_
_entity.id
_entity.type
_entity.pdbx_description
1 polymer 'Envelope glycoprotein D'
2 branched 2-acetamido-2-deoxy-beta-D-glucopyranose-(1-4)-2-acetamido-2-deoxy-beta-D-glucopyranose-(1-4)-2-acetamido-2-deoxy-beta-D-glucopyranose
3 non-polymer 2-acetamido-2-deoxy-beta-D-glucopyranose
4 water water
#
_entity_poly.entity_id   1
_entity_poly.type   'polypeptide(L)'
_entity_poly.pdbx_seq_one_letter_code
;ADEFLPTPAPRVTVYVDPPAYPMPRYNYTERWHTTGPIPSPFADGREQPVEVRYATSAAACDMLALIADPQVGRTLWEAV
RRHARAYNATVIWYKIESGCARPLYYMEYTECEPRKHFGYCRYRTPPFWDSFLAGFAYPTDDELGLIMAAPARLVEGQYR
RALYIDGTVAYTDFMVSLPAGDCWFSKLGAARGYTFGACFPARDYEQKKVLRLTYLTQYYPQEAHKAIVDYWFMRHGGVV
PPYFEESKGYEPPPAADGGSPAPPGDDEAREDEGETEDGAAGREGNGGPPGPEGDGESQTPEANGHHHHHH
;
_entity_poly.pdbx_strand_id   A,B,C
#
# COMPACT_ATOMS: atom_id res chain seq x y z
N PRO A 8 -3.91 26.03 -19.35
CA PRO A 8 -4.69 24.81 -19.16
C PRO A 8 -3.81 23.55 -19.28
N ALA A 9 -3.62 22.82 -18.18
CA ALA A 9 -2.55 21.83 -18.09
C ALA A 9 -2.99 20.48 -18.67
N PRO A 10 -2.27 19.97 -19.67
CA PRO A 10 -2.63 18.69 -20.31
C PRO A 10 -2.83 17.53 -19.34
N ARG A 11 -3.60 16.53 -19.84
CA ARG A 11 -4.02 15.34 -19.08
C ARG A 11 -3.69 14.12 -19.95
N VAL A 12 -2.43 13.74 -19.96
CA VAL A 12 -1.90 12.79 -20.93
C VAL A 12 -0.96 11.84 -20.22
N THR A 13 -0.72 10.68 -20.85
CA THR A 13 0.38 9.86 -20.40
C THR A 13 1.69 10.48 -20.88
N VAL A 14 2.77 10.10 -20.22
CA VAL A 14 4.11 10.61 -20.51
C VAL A 14 5.06 9.42 -20.58
N TYR A 15 6.10 9.56 -21.38
CA TYR A 15 7.12 8.51 -21.45
C TYR A 15 7.85 8.41 -20.12
N VAL A 16 8.22 7.20 -19.75
CA VAL A 16 8.94 7.02 -18.50
C VAL A 16 9.60 5.65 -18.55
N ASP A 17 10.57 5.44 -17.69
CA ASP A 17 11.21 4.16 -17.58
C ASP A 17 10.29 3.19 -16.85
N PRO A 18 10.46 1.89 -17.08
CA PRO A 18 9.61 0.91 -16.40
C PRO A 18 9.80 0.97 -14.89
N PRO A 19 8.96 0.29 -14.12
CA PRO A 19 9.13 0.32 -12.66
C PRO A 19 10.51 -0.13 -12.24
N ALA A 20 11.11 0.60 -11.32
CA ALA A 20 12.44 0.29 -10.87
C ALA A 20 12.46 -0.98 -10.04
N TYR A 21 13.62 -1.62 -9.97
CA TYR A 21 13.86 -2.80 -9.18
C TYR A 21 14.96 -2.47 -8.17
N PRO A 22 14.62 -1.85 -7.05
CA PRO A 22 15.65 -1.44 -6.11
C PRO A 22 16.21 -2.62 -5.35
N MET A 23 17.39 -2.45 -4.86
CA MET A 23 17.97 -3.41 -3.96
C MET A 23 17.39 -3.21 -2.57
N PRO A 24 16.98 -4.26 -1.88
CA PRO A 24 16.45 -4.09 -0.54
C PRO A 24 17.50 -3.61 0.44
N ARG A 25 17.01 -3.11 1.56
CA ARG A 25 17.88 -2.71 2.65
C ARG A 25 18.75 -3.85 3.15
N TYR A 26 18.22 -5.07 3.22
CA TYR A 26 18.94 -6.14 3.89
C TYR A 26 18.23 -7.46 3.63
N ASN A 27 18.93 -8.58 3.88
CA ASN A 27 18.38 -9.92 3.62
C ASN A 27 17.60 -10.40 4.84
N TYR A 28 16.36 -10.84 4.63
CA TYR A 28 15.52 -11.39 5.67
C TYR A 28 14.75 -12.60 5.14
N THR A 29 14.23 -13.40 6.05
CA THR A 29 13.35 -14.49 5.68
C THR A 29 11.90 -14.05 5.71
N GLU A 30 11.22 -14.26 4.60
CA GLU A 30 9.82 -13.93 4.43
C GLU A 30 8.96 -15.11 4.89
N ARG A 31 7.99 -14.84 5.76
CA ARG A 31 7.07 -15.84 6.30
C ARG A 31 5.76 -15.81 5.52
N TRP A 32 5.53 -16.82 4.70
CA TRP A 32 4.36 -16.85 3.85
C TRP A 32 3.19 -17.59 4.51
N HIS A 33 1.99 -17.22 4.09
CA HIS A 33 0.77 -17.98 4.34
C HIS A 33 0.41 -18.05 5.83
N THR A 34 0.78 -17.04 6.58
CA THR A 34 0.35 -16.95 7.96
C THR A 34 -1.00 -16.25 8.01
N THR A 35 -1.77 -16.56 9.03
CA THR A 35 -2.99 -15.82 9.27
C THR A 35 -3.08 -15.54 10.75
N GLY A 36 -4.14 -14.87 11.11
CA GLY A 36 -4.40 -14.51 12.49
C GLY A 36 -5.49 -13.49 12.57
N PRO A 37 -6.11 -13.38 13.73
CA PRO A 37 -7.17 -12.39 13.90
C PRO A 37 -6.57 -11.01 14.12
N ILE A 38 -7.03 -10.06 13.34
CA ILE A 38 -6.53 -8.69 13.49
C ILE A 38 -7.11 -8.06 14.75
N PRO A 39 -6.30 -7.49 15.63
CA PRO A 39 -6.84 -6.91 16.86
C PRO A 39 -7.81 -5.77 16.58
N SER A 40 -8.72 -5.57 17.51
CA SER A 40 -9.66 -4.48 17.37
C SER A 40 -8.92 -3.14 17.37
N PRO A 41 -9.39 -2.17 16.61
CA PRO A 41 -8.82 -0.82 16.70
C PRO A 41 -9.46 0.08 17.76
N PHE A 42 -10.34 -0.44 18.60
CA PHE A 42 -11.16 0.41 19.44
C PHE A 42 -10.74 0.31 20.90
N ALA A 43 -10.94 1.41 21.63
CA ALA A 43 -10.47 1.55 23.00
C ALA A 43 -8.95 1.37 23.06
N GLN A 48 -5.59 7.83 24.81
CA GLN A 48 -6.69 8.05 25.73
C GLN A 48 -7.04 9.53 25.84
N PRO A 49 -7.56 10.14 24.76
CA PRO A 49 -7.82 9.60 23.43
C PRO A 49 -6.63 9.75 22.48
N VAL A 50 -6.87 9.50 21.22
CA VAL A 50 -5.82 9.22 20.24
C VAL A 50 -5.34 10.52 19.63
N GLU A 51 -4.02 10.65 19.51
CA GLU A 51 -3.40 11.75 18.79
C GLU A 51 -3.95 11.82 17.37
N VAL A 52 -4.50 12.96 17.00
CA VAL A 52 -5.13 13.14 15.69
C VAL A 52 -4.28 14.07 14.85
N ARG A 53 -4.16 13.74 13.57
CA ARG A 53 -3.46 14.56 12.59
C ARG A 53 -4.36 14.79 11.40
N TYR A 54 -3.94 15.68 10.52
CA TYR A 54 -4.77 16.11 9.40
C TYR A 54 -3.95 16.09 8.13
N ALA A 55 -4.57 15.59 7.06
CA ALA A 55 -3.87 15.46 5.79
C ALA A 55 -4.82 15.87 4.68
N THR A 56 -4.35 16.74 3.81
CA THR A 56 -5.14 17.19 2.68
C THR A 56 -4.18 17.46 1.53
N SER A 57 -4.75 17.67 0.35
CA SER A 57 -3.98 17.90 -0.86
C SER A 57 -4.46 19.17 -1.53
N ALA A 58 -3.52 20.04 -1.87
CA ALA A 58 -3.89 21.27 -2.57
C ALA A 58 -4.43 20.98 -3.95
N ALA A 59 -3.94 19.92 -4.59
CA ALA A 59 -4.34 19.57 -5.95
C ALA A 59 -4.74 18.10 -6.02
N ALA A 60 -5.70 17.82 -6.89
CA ALA A 60 -6.32 16.49 -6.94
C ALA A 60 -5.34 15.39 -7.33
N CYS A 61 -4.38 15.69 -8.20
CA CYS A 61 -3.40 14.71 -8.63
C CYS A 61 -2.10 14.80 -7.84
N ASP A 62 -2.12 15.45 -6.68
CA ASP A 62 -1.00 15.43 -5.76
C ASP A 62 -0.81 14.08 -5.13
N MET A 63 0.36 13.86 -4.57
CA MET A 63 0.58 12.77 -3.65
C MET A 63 0.20 13.21 -2.25
N LEU A 64 -0.42 12.30 -1.50
CA LEU A 64 -0.85 12.54 -0.13
C LEU A 64 -0.04 11.66 0.82
N ALA A 65 0.43 12.24 1.90
CA ALA A 65 1.22 11.51 2.87
C ALA A 65 0.51 11.50 4.22
N LEU A 66 0.66 10.41 4.93
CA LEU A 66 0.15 10.23 6.28
C LEU A 66 1.37 10.01 7.15
N ILE A 67 1.84 11.05 7.83
CA ILE A 67 3.17 11.06 8.44
C ILE A 67 3.03 11.50 9.88
N ALA A 68 3.46 10.65 10.81
CA ALA A 68 3.54 11.03 12.21
C ALA A 68 4.67 10.22 12.80
N ASP A 69 5.84 10.81 12.91
CA ASP A 69 6.94 10.13 13.55
C ASP A 69 6.48 9.56 14.89
N PRO A 70 6.46 8.24 15.06
CA PRO A 70 5.96 7.66 16.31
C PRO A 70 6.98 7.50 17.41
N GLN A 71 8.18 8.10 17.26
CA GLN A 71 9.24 8.04 18.25
C GLN A 71 9.74 6.63 18.47
N VAL A 72 9.67 5.80 17.43
CA VAL A 72 10.16 4.44 17.55
C VAL A 72 11.65 4.42 17.83
N GLY A 73 12.36 5.43 17.34
CA GLY A 73 13.78 5.54 17.66
C GLY A 73 14.05 5.55 19.14
N ARG A 74 13.28 6.34 19.90
CA ARG A 74 13.47 6.35 21.35
C ARG A 74 13.13 5.01 21.99
N THR A 75 12.01 4.39 21.62
CA THR A 75 11.65 3.16 22.31
C THR A 75 12.65 2.03 22.03
N LEU A 76 13.33 2.06 20.89
CA LEU A 76 14.40 1.09 20.65
C LEU A 76 15.64 1.45 21.45
N TRP A 77 15.92 2.74 21.59
CA TRP A 77 17.01 3.20 22.44
C TRP A 77 16.79 2.78 23.88
N GLU A 78 15.55 2.94 24.38
CA GLU A 78 15.17 2.43 25.69
C GLU A 78 15.44 0.94 25.82
N ALA A 79 15.20 0.17 24.76
CA ALA A 79 15.41 -1.26 24.86
C ALA A 79 16.89 -1.60 24.87
N VAL A 80 17.71 -0.86 24.13
CA VAL A 80 19.15 -1.10 24.15
C VAL A 80 19.72 -0.78 25.52
N ARG A 81 19.20 0.25 26.17
CA ARG A 81 19.68 0.59 27.50
C ARG A 81 19.36 -0.48 28.52
N ARG A 82 18.39 -1.35 28.24
CA ARG A 82 18.07 -2.45 29.13
C ARG A 82 18.66 -3.77 28.67
N HIS A 83 19.64 -3.70 27.77
CA HIS A 83 20.36 -4.85 27.21
C HIS A 83 19.44 -5.82 26.49
N ALA A 84 18.28 -5.37 26.01
CA ALA A 84 17.40 -6.27 25.28
C ALA A 84 18.12 -6.85 24.09
N ARG A 85 17.93 -8.14 23.85
CA ARG A 85 18.60 -8.77 22.73
C ARG A 85 17.83 -8.56 21.43
N ALA A 86 16.50 -8.49 21.49
CA ALA A 86 15.70 -8.32 20.29
C ALA A 86 14.43 -7.56 20.63
N TYR A 87 13.67 -7.24 19.60
CA TYR A 87 12.32 -6.70 19.72
C TYR A 87 11.50 -7.22 18.55
N ASN A 88 10.18 -7.07 18.65
CA ASN A 88 9.23 -7.47 17.61
C ASN A 88 8.26 -6.31 17.39
N ALA A 89 7.46 -6.40 16.34
CA ALA A 89 6.64 -5.25 15.99
C ALA A 89 5.52 -5.65 15.06
N THR A 90 4.46 -4.86 15.05
CA THR A 90 3.34 -5.09 14.14
C THR A 90 2.81 -3.74 13.74
N VAL A 91 2.54 -3.54 12.45
CA VAL A 91 2.02 -2.27 11.96
C VAL A 91 0.71 -2.54 11.28
N ILE A 92 -0.34 -1.85 11.71
CA ILE A 92 -1.68 -2.09 11.22
C ILE A 92 -2.29 -0.74 10.87
N TRP A 93 -3.03 -0.70 9.76
CA TRP A 93 -3.83 0.46 9.40
C TRP A 93 -5.29 0.05 9.23
N TYR A 94 -6.18 0.96 9.60
CA TYR A 94 -7.62 0.76 9.49
C TYR A 94 -8.27 2.01 8.94
N LYS A 95 -9.41 1.84 8.30
CA LYS A 95 -10.31 2.94 8.01
C LYS A 95 -11.47 2.90 9.00
N ILE A 96 -11.66 4.00 9.73
CA ILE A 96 -12.65 4.09 10.79
C ILE A 96 -13.91 4.71 10.24
N GLU A 97 -15.03 4.03 10.38
CA GLU A 97 -16.31 4.56 9.94
C GLU A 97 -17.28 4.50 11.12
N SER A 98 -18.52 4.85 10.88
CA SER A 98 -19.51 4.82 11.94
C SER A 98 -19.80 3.37 12.30
N GLY A 99 -19.47 2.99 13.53
CA GLY A 99 -19.77 1.68 14.03
C GLY A 99 -18.70 0.63 13.77
N CYS A 100 -17.83 0.84 12.78
CA CYS A 100 -17.05 -0.26 12.25
C CYS A 100 -15.70 0.22 11.71
N ALA A 101 -14.82 -0.74 11.45
CA ALA A 101 -13.49 -0.46 10.94
C ALA A 101 -13.12 -1.43 9.82
N ARG A 102 -12.57 -0.89 8.76
CA ARG A 102 -12.00 -1.68 7.67
C ARG A 102 -10.53 -1.94 7.90
N PRO A 103 -10.05 -3.17 7.79
CA PRO A 103 -8.60 -3.42 7.89
C PRO A 103 -7.89 -3.15 6.56
N LEU A 104 -6.77 -2.45 6.62
CA LEU A 104 -6.11 -1.92 5.43
C LEU A 104 -4.72 -2.49 5.20
N TYR A 105 -4.01 -2.79 6.26
CA TYR A 105 -2.61 -3.11 6.19
C TYR A 105 -2.24 -3.86 7.44
N TYR A 106 -1.45 -4.90 7.29
CA TYR A 106 -0.94 -5.65 8.43
C TYR A 106 0.47 -6.12 8.09
N MET A 107 1.37 -6.00 9.06
CA MET A 107 2.76 -6.31 8.79
C MET A 107 3.42 -6.65 10.12
N GLU A 108 4.07 -7.79 10.15
CA GLU A 108 4.60 -8.34 11.38
C GLU A 108 6.12 -8.53 11.25
N TYR A 109 6.85 -7.92 12.18
CA TYR A 109 8.30 -7.98 12.27
C TYR A 109 8.67 -8.76 13.51
N THR A 110 9.48 -9.79 13.36
CA THR A 110 9.92 -10.56 14.51
C THR A 110 11.43 -10.73 14.50
N GLU A 111 11.99 -10.79 15.69
CA GLU A 111 13.43 -11.00 15.90
C GLU A 111 14.23 -9.86 15.26
N CYS A 112 13.94 -8.65 15.72
CA CYS A 112 14.57 -7.46 15.21
C CYS A 112 15.68 -6.99 16.13
N GLU A 113 16.65 -6.28 15.54
CA GLU A 113 17.81 -5.78 16.24
C GLU A 113 17.52 -4.36 16.71
N PRO A 114 17.48 -4.10 18.02
CA PRO A 114 17.17 -2.75 18.49
C PRO A 114 18.32 -1.77 18.34
N ARG A 115 19.54 -2.26 18.15
CA ARG A 115 20.65 -1.35 17.92
C ARG A 115 20.63 -0.75 16.53
N LYS A 116 19.79 -1.23 15.63
CA LYS A 116 19.69 -0.67 14.29
C LYS A 116 18.35 0.03 14.13
N HIS A 117 18.22 0.77 13.05
CA HIS A 117 17.02 1.54 12.84
C HIS A 117 15.84 0.58 12.66
N PHE A 118 14.64 1.07 12.98
CA PHE A 118 13.45 0.24 12.97
C PHE A 118 13.37 -0.59 11.69
N GLY A 119 13.02 -1.87 11.87
CA GLY A 119 12.73 -2.76 10.77
C GLY A 119 13.81 -3.77 10.45
N TYR A 120 14.93 -3.78 11.15
CA TYR A 120 16.01 -4.71 10.84
C TYR A 120 15.71 -6.01 11.58
N CYS A 121 14.92 -6.85 10.94
CA CYS A 121 14.28 -8.01 11.55
C CYS A 121 14.64 -9.26 10.79
N ARG A 122 14.93 -10.33 11.53
CA ARG A 122 15.27 -11.60 10.90
C ARG A 122 14.10 -12.20 10.13
N TYR A 123 12.87 -11.90 10.53
CA TYR A 123 11.68 -12.44 9.90
C TYR A 123 10.64 -11.36 9.70
N ARG A 124 10.00 -11.37 8.54
CA ARG A 124 8.89 -10.51 8.24
C ARG A 124 7.83 -11.33 7.52
N THR A 125 6.59 -11.00 7.73
CA THR A 125 5.62 -11.43 6.76
C THR A 125 5.71 -10.49 5.58
N PRO A 126 5.14 -10.86 4.44
CA PRO A 126 4.78 -9.85 3.48
C PRO A 126 3.80 -8.88 4.10
N PRO A 127 3.73 -7.66 3.60
CA PRO A 127 2.67 -6.78 4.02
C PRO A 127 1.33 -7.27 3.48
N PHE A 128 0.34 -7.39 4.37
CA PHE A 128 -1.04 -7.73 3.99
C PHE A 128 -1.78 -6.44 3.67
N TRP A 129 -2.34 -6.35 2.47
CA TRP A 129 -2.95 -5.13 2.00
C TRP A 129 -4.41 -5.35 1.62
N ASP A 130 -5.21 -4.30 1.84
CA ASP A 130 -6.44 -4.13 1.10
C ASP A 130 -6.13 -3.96 -0.40
N SER A 131 -6.91 -4.62 -1.25
CA SER A 131 -6.55 -4.70 -2.67
C SER A 131 -6.76 -3.37 -3.38
N PHE A 132 -7.85 -2.69 -3.08
CA PHE A 132 -8.05 -1.36 -3.63
C PHE A 132 -6.91 -0.44 -3.25
N LEU A 133 -6.56 -0.41 -1.97
CA LEU A 133 -5.59 0.56 -1.50
C LEU A 133 -4.21 0.33 -2.08
N ALA A 134 -3.83 -0.92 -2.31
CA ALA A 134 -2.48 -1.24 -2.74
C ALA A 134 -2.18 -0.77 -4.15
N GLY A 135 -3.20 -0.52 -4.97
CA GLY A 135 -2.97 -0.05 -6.31
C GLY A 135 -2.52 1.39 -6.38
N PHE A 136 -2.72 2.17 -5.33
CA PHE A 136 -2.34 3.57 -5.39
C PHE A 136 -1.64 4.05 -4.12
N ALA A 137 -1.26 3.15 -3.23
CA ALA A 137 -0.70 3.57 -1.97
C ALA A 137 0.36 2.58 -1.53
N TYR A 138 1.36 3.07 -0.81
CA TYR A 138 2.46 2.23 -0.35
C TYR A 138 3.03 2.84 0.93
N PRO A 139 3.81 2.08 1.67
CA PRO A 139 4.40 2.62 2.89
C PRO A 139 5.57 3.54 2.59
N THR A 140 5.73 4.55 3.44
CA THR A 140 6.93 5.36 3.42
C THR A 140 8.16 4.46 3.57
N ASP A 141 9.32 5.07 3.35
CA ASP A 141 10.57 4.34 3.44
C ASP A 141 10.84 3.78 4.83
N ASP A 142 10.35 4.44 5.88
CA ASP A 142 10.55 3.87 7.20
C ASP A 142 9.46 2.90 7.59
N GLU A 143 8.46 2.73 6.73
CA GLU A 143 7.41 1.74 6.83
C GLU A 143 6.39 2.13 7.88
N LEU A 144 6.48 3.33 8.40
CA LEU A 144 5.64 3.78 9.48
C LEU A 144 4.56 4.75 9.03
N GLY A 145 4.62 5.27 7.82
CA GLY A 145 3.58 6.13 7.29
C GLY A 145 3.03 5.58 5.99
N LEU A 146 2.15 6.35 5.38
CA LEU A 146 1.54 5.96 4.13
C LEU A 146 1.66 7.09 3.12
N ILE A 147 1.89 6.71 1.86
CA ILE A 147 1.83 7.65 0.75
C ILE A 147 0.72 7.19 -0.15
N MET A 148 -0.16 8.10 -0.52
CA MET A 148 -1.23 7.82 -1.47
C MET A 148 -1.03 8.68 -2.70
N ALA A 149 -1.11 8.05 -3.86
CA ALA A 149 -0.85 8.69 -5.15
C ALA A 149 -2.16 9.12 -5.77
N ALA A 150 -2.44 10.41 -5.73
CA ALA A 150 -3.65 11.03 -6.28
C ALA A 150 -4.92 10.25 -5.92
N PRO A 151 -5.22 10.06 -4.65
CA PRO A 151 -6.39 9.28 -4.29
C PRO A 151 -7.68 9.89 -4.80
N ALA A 152 -8.64 9.02 -5.07
CA ALA A 152 -9.99 9.46 -5.36
C ALA A 152 -10.64 10.06 -4.13
N ARG A 153 -11.62 10.93 -4.35
CA ARG A 153 -12.27 11.61 -3.24
C ARG A 153 -12.82 10.61 -2.23
N LEU A 154 -13.31 9.46 -2.70
CA LEU A 154 -13.89 8.46 -1.82
C LEU A 154 -12.91 7.96 -0.77
N VAL A 155 -11.66 8.39 -0.83
CA VAL A 155 -10.67 8.00 0.16
C VAL A 155 -10.75 8.88 1.40
N GLU A 156 -11.43 10.01 1.33
CA GLU A 156 -11.61 10.86 2.50
C GLU A 156 -12.09 10.05 3.69
N GLY A 157 -11.55 10.35 4.86
CA GLY A 157 -12.04 9.68 6.04
C GLY A 157 -11.01 9.68 7.14
N GLN A 158 -11.19 8.76 8.06
CA GLN A 158 -10.36 8.67 9.25
C GLN A 158 -9.55 7.40 9.18
N TYR A 159 -8.24 7.55 9.23
CA TYR A 159 -7.33 6.42 9.11
C TYR A 159 -6.60 6.27 10.42
N ARG A 160 -6.57 5.07 10.95
CA ARG A 160 -5.96 4.80 12.22
C ARG A 160 -4.74 3.92 12.01
N ARG A 161 -3.62 4.32 12.57
CA ARG A 161 -2.42 3.52 12.59
C ARG A 161 -2.22 2.98 13.98
N ALA A 162 -1.86 1.70 14.05
CA ALA A 162 -1.56 1.03 15.31
C ALA A 162 -0.14 0.52 15.21
N LEU A 163 0.72 1.00 16.09
CA LEU A 163 2.10 0.54 16.13
C LEU A 163 2.30 -0.31 17.36
N TYR A 164 2.65 -1.57 17.16
CA TYR A 164 2.98 -2.48 18.26
C TYR A 164 4.48 -2.63 18.32
N ILE A 165 5.05 -2.43 19.49
CA ILE A 165 6.42 -2.80 19.77
C ILE A 165 6.38 -3.68 21.00
N ASP A 166 6.88 -4.90 20.87
CA ASP A 166 6.95 -5.82 21.99
C ASP A 166 5.58 -6.00 22.62
N GLY A 167 4.55 -6.00 21.78
CA GLY A 167 3.21 -6.23 22.24
C GLY A 167 2.48 -5.01 22.70
N THR A 168 3.13 -3.84 22.67
CA THR A 168 2.57 -2.62 23.23
C THR A 168 2.10 -1.70 22.11
N VAL A 169 0.88 -1.29 22.15
CA VAL A 169 0.26 -0.58 21.05
C VAL A 169 0.22 0.92 21.32
N ALA A 170 0.26 1.70 20.24
CA ALA A 170 0.11 3.15 20.26
C ALA A 170 -0.61 3.54 18.99
N TYR A 171 -1.49 4.52 19.08
CA TYR A 171 -2.44 4.81 18.02
C TYR A 171 -2.25 6.23 17.52
N THR A 172 -2.49 6.44 16.22
CA THR A 172 -2.52 7.76 15.64
C THR A 172 -3.65 7.80 14.65
N ASP A 173 -4.41 8.86 14.64
CA ASP A 173 -5.45 9.01 13.65
C ASP A 173 -5.06 10.06 12.62
N PHE A 174 -5.50 9.85 11.40
CA PHE A 174 -5.27 10.80 10.33
C PHE A 174 -6.62 11.13 9.74
N MET A 175 -6.98 12.40 9.76
CA MET A 175 -8.21 12.86 9.14
C MET A 175 -7.88 13.33 7.73
N VAL A 176 -8.33 12.58 6.74
CA VAL A 176 -7.96 12.83 5.35
C VAL A 176 -9.08 13.59 4.67
N SER A 177 -8.74 14.70 4.06
CA SER A 177 -9.70 15.60 3.45
C SER A 177 -9.24 15.88 2.03
N LEU A 178 -10.12 15.72 1.06
CA LEU A 178 -9.76 15.79 -0.35
C LEU A 178 -10.64 16.76 -1.10
N PRO A 179 -10.60 18.05 -0.75
CA PRO A 179 -11.53 19.00 -1.37
C PRO A 179 -11.30 19.25 -2.86
N ALA A 180 -10.16 18.87 -3.43
CA ALA A 180 -10.03 19.10 -4.86
C ALA A 180 -10.71 18.04 -5.70
N GLY A 181 -11.25 17.00 -5.08
CA GLY A 181 -12.00 16.01 -5.81
C GLY A 181 -11.12 14.94 -6.42
N ASP A 182 -11.71 14.19 -7.33
CA ASP A 182 -10.95 13.17 -8.06
C ASP A 182 -9.90 13.81 -8.96
N CYS A 183 -8.85 13.05 -9.19
CA CYS A 183 -7.88 13.31 -10.23
C CYS A 183 -8.30 12.58 -11.49
N TRP A 184 -7.92 13.12 -12.65
CA TRP A 184 -8.40 12.53 -13.89
C TRP A 184 -7.97 11.08 -14.03
N PHE A 185 -6.87 10.69 -13.40
CA PHE A 185 -6.39 9.31 -13.47
C PHE A 185 -6.47 8.59 -12.14
N SER A 186 -7.14 9.15 -11.15
CA SER A 186 -7.37 8.41 -9.91
C SER A 186 -7.98 7.04 -10.20
N LYS A 187 -7.59 6.07 -9.40
CA LYS A 187 -8.16 4.73 -9.42
C LYS A 187 -9.44 4.70 -8.60
N LEU A 188 -10.58 4.54 -9.25
CA LEU A 188 -11.86 4.53 -8.57
C LEU A 188 -12.35 3.15 -8.19
N GLY A 189 -11.56 2.11 -8.41
CA GLY A 189 -11.95 0.79 -8.01
C GLY A 189 -10.87 -0.20 -8.40
N ALA A 190 -10.91 -1.35 -7.74
CA ALA A 190 -10.08 -2.48 -8.14
C ALA A 190 -10.98 -3.41 -8.94
N ALA A 191 -10.66 -4.70 -8.99
CA ALA A 191 -11.42 -5.60 -9.85
C ALA A 191 -12.89 -5.62 -9.46
N ARG A 192 -13.75 -5.71 -10.47
CA ARG A 192 -15.21 -5.61 -10.31
C ARG A 192 -15.61 -4.31 -9.63
N GLY A 193 -14.79 -3.27 -9.79
CA GLY A 193 -15.09 -2.00 -9.21
C GLY A 193 -15.02 -1.92 -7.72
N TYR A 194 -14.55 -2.95 -7.05
CA TYR A 194 -14.52 -2.94 -5.59
C TYR A 194 -13.58 -1.86 -5.08
N THR A 195 -13.99 -1.24 -3.97
CA THR A 195 -13.25 -0.19 -3.31
C THR A 195 -12.80 -0.84 -2.00
N PHE A 196 -12.51 -0.12 -0.95
CA PHE A 196 -12.05 -0.75 0.29
C PHE A 196 -12.90 -1.98 0.62
N GLY A 197 -12.31 -2.90 1.38
CA GLY A 197 -12.99 -4.09 1.82
C GLY A 197 -13.90 -3.88 3.03
N ALA A 198 -14.43 -5.00 3.51
CA ALA A 198 -15.60 -4.97 4.40
C ALA A 198 -15.32 -4.24 5.70
N CYS A 199 -16.27 -3.42 6.11
CA CYS A 199 -16.19 -2.75 7.39
C CYS A 199 -16.68 -3.68 8.50
N PHE A 200 -15.86 -3.88 9.52
CA PHE A 200 -16.19 -4.80 10.59
C PHE A 200 -16.44 -4.05 11.90
N PRO A 201 -17.44 -4.44 12.69
CA PRO A 201 -17.67 -3.80 13.98
C PRO A 201 -16.81 -4.43 15.06
N ALA A 202 -16.58 -3.65 16.12
CA ALA A 202 -15.69 -3.99 17.23
C ALA A 202 -15.83 -5.43 17.66
N ARG A 203 -17.07 -5.92 17.71
CA ARG A 203 -17.30 -7.29 18.18
C ARG A 203 -16.69 -8.33 17.24
N ASP A 204 -16.79 -8.14 15.94
CA ASP A 204 -16.14 -9.08 15.03
C ASP A 204 -14.64 -9.16 15.26
N TYR A 205 -14.00 -8.01 15.48
CA TYR A 205 -12.59 -8.02 15.83
C TYR A 205 -12.36 -8.76 17.13
N GLU A 206 -13.14 -8.44 18.17
CA GLU A 206 -12.90 -9.05 19.48
C GLU A 206 -13.07 -10.56 19.41
N GLN A 207 -14.05 -11.03 18.67
CA GLN A 207 -14.27 -12.46 18.56
C GLN A 207 -13.40 -13.11 17.50
N LYS A 208 -12.38 -12.39 17.02
CA LYS A 208 -11.28 -12.99 16.28
C LYS A 208 -11.73 -13.45 14.90
N LYS A 209 -12.61 -12.72 14.28
CA LYS A 209 -13.15 -13.10 12.98
C LYS A 209 -12.48 -12.40 11.82
N VAL A 210 -11.60 -11.45 12.07
CA VAL A 210 -11.01 -10.63 11.01
C VAL A 210 -9.65 -11.25 10.73
N LEU A 211 -9.68 -12.35 10.01
CA LEU A 211 -8.46 -13.09 9.71
C LEU A 211 -7.71 -12.44 8.55
N ARG A 212 -6.42 -12.25 8.73
CA ARG A 212 -5.67 -11.42 7.80
C ARG A 212 -5.52 -12.07 6.43
N LEU A 213 -5.25 -13.37 6.40
CA LEU A 213 -5.08 -14.08 5.14
C LEU A 213 -6.39 -14.19 4.38
N THR A 214 -7.52 -14.00 5.04
CA THR A 214 -8.84 -14.07 4.43
C THR A 214 -9.25 -12.73 3.82
N TYR A 215 -9.05 -11.63 4.51
CA TYR A 215 -9.57 -10.37 4.00
C TYR A 215 -8.52 -9.51 3.31
N LEU A 216 -7.24 -9.82 3.49
CA LEU A 216 -6.14 -9.03 2.94
C LEU A 216 -5.22 -9.93 2.16
N THR A 217 -4.41 -9.34 1.30
CA THR A 217 -3.53 -10.09 0.41
C THR A 217 -2.07 -9.70 0.61
N GLN A 218 -1.21 -10.71 0.74
CA GLN A 218 0.23 -10.53 0.83
C GLN A 218 0.78 -9.86 -0.43
N TYR A 219 1.74 -8.95 -0.25
CA TYR A 219 2.11 -8.07 -1.34
C TYR A 219 3.60 -7.76 -1.33
N TYR A 220 3.99 -6.91 -2.25
CA TYR A 220 5.38 -6.55 -2.43
C TYR A 220 5.94 -5.81 -1.22
N PRO A 221 7.23 -5.96 -0.93
CA PRO A 221 7.86 -5.12 0.07
C PRO A 221 7.86 -3.67 -0.36
N GLN A 222 8.17 -2.78 0.59
CA GLN A 222 8.00 -1.34 0.39
C GLN A 222 8.77 -0.80 -0.83
N GLU A 223 10.01 -1.26 -1.05
CA GLU A 223 10.81 -0.73 -2.16
C GLU A 223 10.14 -0.96 -3.50
N ALA A 224 9.76 -2.21 -3.78
CA ALA A 224 9.09 -2.54 -5.04
C ALA A 224 7.70 -1.96 -5.07
N HIS A 225 7.00 -1.98 -3.93
CA HIS A 225 5.66 -1.41 -3.89
C HIS A 225 5.69 0.07 -4.27
N LYS A 226 6.63 0.81 -3.69
CA LYS A 226 6.78 2.21 -4.05
C LYS A 226 7.09 2.37 -5.52
N ALA A 227 7.95 1.50 -6.06
CA ALA A 227 8.36 1.57 -7.46
C ALA A 227 7.19 1.33 -8.41
N ILE A 228 6.37 0.32 -8.12
CA ILE A 228 5.25 -0.01 -8.98
C ILE A 228 4.24 1.13 -9.03
N VAL A 229 3.86 1.66 -7.86
CA VAL A 229 2.89 2.75 -7.84
C VAL A 229 3.50 4.05 -8.38
N ASP A 230 4.74 4.35 -8.02
CA ASP A 230 5.39 5.56 -8.54
C ASP A 230 5.39 5.56 -10.05
N TYR A 231 5.66 4.41 -10.65
CA TYR A 231 5.65 4.30 -12.10
C TYR A 231 4.27 4.65 -12.67
N TRP A 232 3.22 4.02 -12.14
CA TRP A 232 1.88 4.34 -12.64
C TRP A 232 1.57 5.80 -12.43
N PHE A 233 1.96 6.33 -11.26
CA PHE A 233 1.73 7.72 -10.94
C PHE A 233 2.49 8.65 -11.89
N MET A 234 3.75 8.33 -12.17
CA MET A 234 4.58 9.16 -13.04
C MET A 234 4.13 9.08 -14.49
N ARG A 235 3.78 7.89 -14.98
CA ARG A 235 3.32 7.71 -16.34
C ARG A 235 2.12 8.58 -16.66
N HIS A 236 1.40 9.06 -15.64
CA HIS A 236 0.31 10.01 -15.84
C HIS A 236 0.70 11.43 -15.48
N GLY A 237 1.99 11.72 -15.38
CA GLY A 237 2.46 13.09 -15.22
C GLY A 237 2.76 13.54 -13.81
N GLY A 238 2.61 12.69 -12.82
CA GLY A 238 2.81 13.13 -11.45
C GLY A 238 4.27 13.20 -11.08
N VAL A 239 4.61 14.13 -10.20
CA VAL A 239 5.97 14.22 -9.66
C VAL A 239 5.94 13.74 -8.23
N VAL A 240 6.89 12.88 -7.88
CA VAL A 240 7.05 12.39 -6.52
C VAL A 240 7.88 13.41 -5.76
N PRO A 241 7.37 13.97 -4.66
CA PRO A 241 8.12 14.98 -3.93
C PRO A 241 9.38 14.42 -3.31
N PRO A 242 10.39 15.26 -3.07
CA PRO A 242 11.63 14.75 -2.46
C PRO A 242 11.52 14.45 -0.99
N TYR A 243 10.52 14.99 -0.29
CA TYR A 243 10.38 14.82 1.15
C TYR A 243 8.90 14.90 1.52
N PHE A 244 8.51 14.16 2.54
CA PHE A 244 7.15 14.29 3.06
C PHE A 244 7.20 14.76 4.50
N GLU A 245 6.77 15.99 4.74
CA GLU A 245 6.81 16.51 6.09
C GLU A 245 5.73 15.90 6.96
N GLU A 246 5.98 15.93 8.26
CA GLU A 246 5.03 15.52 9.28
C GLU A 246 3.66 16.13 9.04
N SER A 247 2.62 15.33 9.25
CA SER A 247 1.25 15.81 9.10
C SER A 247 0.86 16.73 10.25
N LYS A 248 0.04 17.72 9.94
CA LYS A 248 -0.31 18.75 10.90
C LYS A 248 -1.28 18.23 11.97
N GLY A 249 -1.16 18.79 13.16
CA GLY A 249 -2.16 18.63 14.21
C GLY A 249 -3.27 19.66 14.08
N TYR A 250 -4.14 19.68 15.09
CA TYR A 250 -5.28 20.58 15.04
C TYR A 250 -4.85 22.03 15.26
N GLU A 251 -5.35 22.91 14.41
CA GLU A 251 -4.99 24.33 14.43
C GLU A 251 -6.26 25.16 14.31
N PRO A 252 -6.52 26.09 15.24
CA PRO A 252 -7.66 27.00 15.10
C PRO A 252 -7.40 28.07 14.04
N PRO B 10 -27.25 -32.05 14.19
CA PRO B 10 -26.98 -33.18 13.29
C PRO B 10 -26.20 -32.76 12.06
N ARG B 11 -25.06 -32.13 12.28
CA ARG B 11 -24.34 -31.38 11.24
C ARG B 11 -23.06 -32.11 10.87
N VAL B 12 -23.09 -32.87 9.79
CA VAL B 12 -21.93 -33.64 9.35
C VAL B 12 -21.79 -33.56 7.83
N THR B 13 -20.60 -33.92 7.36
CA THR B 13 -20.41 -34.19 5.95
C THR B 13 -20.58 -35.69 5.71
N VAL B 14 -20.94 -36.04 4.48
CA VAL B 14 -21.25 -37.43 4.12
C VAL B 14 -20.58 -37.81 2.81
N TYR B 15 -20.52 -39.11 2.57
CA TYR B 15 -19.89 -39.62 1.35
C TYR B 15 -20.74 -39.31 0.13
N VAL B 16 -20.09 -38.81 -0.92
CA VAL B 16 -20.72 -38.57 -2.20
C VAL B 16 -19.72 -38.94 -3.29
N ASP B 17 -20.23 -39.36 -4.43
CA ASP B 17 -19.39 -39.39 -5.61
C ASP B 17 -19.06 -37.96 -6.01
N PRO B 18 -17.90 -37.75 -6.63
CA PRO B 18 -17.49 -36.40 -6.98
C PRO B 18 -18.40 -35.82 -8.06
N PRO B 19 -18.32 -34.51 -8.30
CA PRO B 19 -19.19 -33.90 -9.31
C PRO B 19 -19.14 -34.60 -10.65
N ALA B 20 -20.30 -35.02 -11.12
CA ALA B 20 -20.39 -35.69 -12.40
C ALA B 20 -19.90 -34.80 -13.51
N TYR B 21 -19.45 -35.41 -14.59
CA TYR B 21 -19.08 -34.67 -15.77
C TYR B 21 -20.03 -35.02 -16.88
N PRO B 22 -20.76 -34.10 -17.42
CA PRO B 22 -21.84 -34.45 -18.34
C PRO B 22 -21.49 -34.28 -19.80
N MET B 23 -22.17 -34.97 -20.67
CA MET B 23 -21.87 -34.68 -22.05
C MET B 23 -22.87 -33.68 -22.58
N PRO B 24 -22.41 -32.62 -23.26
CA PRO B 24 -23.35 -31.64 -23.79
C PRO B 24 -24.41 -32.32 -24.64
N ARG B 25 -25.60 -31.74 -24.61
CA ARG B 25 -26.70 -32.24 -25.44
C ARG B 25 -26.37 -32.10 -26.91
N TYR B 26 -25.85 -30.95 -27.32
CA TYR B 26 -25.63 -30.68 -28.73
C TYR B 26 -24.37 -29.85 -28.85
N ASN B 27 -23.85 -29.73 -30.06
CA ASN B 27 -22.60 -29.02 -30.27
C ASN B 27 -22.87 -27.56 -30.64
N TYR B 28 -22.26 -26.66 -29.88
CA TYR B 28 -22.29 -25.23 -30.15
C TYR B 28 -20.88 -24.70 -29.97
N THR B 29 -20.64 -23.47 -30.42
CA THR B 29 -19.35 -22.83 -30.25
C THR B 29 -19.41 -21.81 -29.13
N GLU B 30 -18.50 -21.93 -28.19
CA GLU B 30 -18.40 -21.01 -27.07
C GLU B 30 -17.72 -19.71 -27.51
N ARG B 31 -18.32 -18.58 -27.16
CA ARG B 31 -17.83 -17.25 -27.55
C ARG B 31 -17.19 -16.61 -26.33
N TRP B 32 -15.87 -16.61 -26.27
CA TRP B 32 -15.17 -16.17 -25.07
C TRP B 32 -14.87 -14.69 -25.12
N HIS B 33 -14.76 -14.11 -23.93
CA HIS B 33 -14.22 -12.78 -23.71
C HIS B 33 -15.03 -11.70 -24.40
N THR B 34 -16.31 -11.95 -24.64
CA THR B 34 -17.17 -10.85 -25.07
C THR B 34 -17.48 -9.95 -23.87
N THR B 35 -17.88 -8.72 -24.19
CA THR B 35 -18.29 -7.77 -23.18
C THR B 35 -19.31 -6.84 -23.80
N GLY B 36 -19.98 -6.10 -22.95
CA GLY B 36 -21.05 -5.24 -23.39
C GLY B 36 -21.78 -4.68 -22.19
N PRO B 37 -22.57 -3.64 -22.42
CA PRO B 37 -23.32 -3.01 -21.32
C PRO B 37 -24.61 -3.77 -21.05
N ILE B 38 -24.76 -4.24 -19.82
CA ILE B 38 -25.99 -4.94 -19.44
C ILE B 38 -27.15 -3.95 -19.45
N PRO B 39 -28.26 -4.25 -20.09
CA PRO B 39 -29.33 -3.26 -20.19
C PRO B 39 -30.00 -3.04 -18.85
N SER B 40 -30.70 -1.93 -18.75
CA SER B 40 -31.39 -1.61 -17.52
C SER B 40 -32.52 -2.61 -17.27
N PRO B 41 -32.69 -3.07 -16.03
CA PRO B 41 -33.83 -3.93 -15.69
C PRO B 41 -35.14 -3.20 -15.54
N PHE B 42 -35.16 -1.88 -15.70
CA PHE B 42 -36.37 -1.10 -15.66
C PHE B 42 -36.78 -0.62 -17.05
N ALA B 43 -36.21 -1.21 -18.09
CA ALA B 43 -36.41 -0.79 -19.48
C ALA B 43 -37.12 -1.91 -20.24
N ASP B 44 -38.38 -1.67 -20.62
CA ASP B 44 -39.12 -2.67 -21.38
C ASP B 44 -38.82 -2.56 -22.87
N GLN B 48 -47.16 -3.02 -20.58
CA GLN B 48 -47.90 -3.76 -19.57
C GLN B 48 -46.93 -4.38 -18.57
N PRO B 49 -47.42 -4.67 -17.37
CA PRO B 49 -46.53 -4.84 -16.21
C PRO B 49 -45.97 -6.23 -16.02
N VAL B 50 -45.36 -6.43 -14.84
CA VAL B 50 -44.42 -7.51 -14.60
C VAL B 50 -45.00 -8.44 -13.55
N GLU B 51 -45.11 -9.72 -13.88
CA GLU B 51 -45.69 -10.69 -12.97
C GLU B 51 -44.76 -10.96 -11.80
N VAL B 52 -45.35 -11.31 -10.65
CA VAL B 52 -44.59 -11.61 -9.44
C VAL B 52 -44.89 -13.04 -9.00
N ARG B 53 -43.85 -13.78 -8.68
CA ARG B 53 -43.96 -15.12 -8.12
C ARG B 53 -43.23 -15.18 -6.79
N TYR B 54 -43.39 -16.29 -6.08
CA TYR B 54 -42.89 -16.38 -4.72
C TYR B 54 -42.12 -17.66 -4.53
N ALA B 55 -40.95 -17.55 -3.91
CA ALA B 55 -40.14 -18.71 -3.59
C ALA B 55 -39.75 -18.64 -2.13
N THR B 56 -39.90 -19.73 -1.41
CA THR B 56 -39.57 -19.77 0.00
C THR B 56 -39.13 -21.17 0.34
N SER B 57 -38.58 -21.34 1.54
CA SER B 57 -38.07 -22.64 1.97
C SER B 57 -38.63 -23.01 3.32
N ALA B 58 -39.12 -24.25 3.43
CA ALA B 58 -39.67 -24.70 4.71
C ALA B 58 -38.59 -24.92 5.74
N ALA B 59 -37.39 -25.30 5.30
CA ALA B 59 -36.26 -25.47 6.19
C ALA B 59 -35.03 -24.86 5.55
N ALA B 60 -34.05 -24.53 6.39
CA ALA B 60 -32.99 -23.62 5.98
C ALA B 60 -32.01 -24.24 5.01
N CYS B 61 -31.69 -25.52 5.17
CA CYS B 61 -30.81 -26.22 4.24
C CYS B 61 -31.54 -26.81 3.04
N ASP B 62 -32.75 -26.35 2.78
CA ASP B 62 -33.47 -26.81 1.61
C ASP B 62 -32.93 -26.17 0.35
N MET B 63 -33.15 -26.87 -0.76
CA MET B 63 -32.98 -26.32 -2.08
C MET B 63 -34.20 -25.48 -2.43
N LEU B 64 -33.96 -24.34 -3.07
CA LEU B 64 -34.99 -23.39 -3.42
C LEU B 64 -34.95 -23.10 -4.91
N ALA B 65 -36.09 -22.98 -5.54
CA ALA B 65 -36.13 -22.82 -6.99
C ALA B 65 -36.93 -21.61 -7.37
N LEU B 66 -36.49 -20.91 -8.40
CA LEU B 66 -37.18 -19.78 -9.00
C LEU B 66 -37.60 -20.21 -10.40
N ILE B 67 -38.83 -20.66 -10.56
CA ILE B 67 -39.26 -21.19 -11.85
C ILE B 67 -40.57 -20.55 -12.24
N ALA B 68 -40.59 -19.93 -13.40
CA ALA B 68 -41.83 -19.46 -14.01
C ALA B 68 -41.72 -19.72 -15.49
N ASP B 69 -42.60 -20.53 -16.02
CA ASP B 69 -42.54 -20.88 -17.42
C ASP B 69 -42.89 -19.66 -18.26
N PRO B 70 -41.97 -19.16 -19.08
CA PRO B 70 -42.28 -17.97 -19.89
C PRO B 70 -43.03 -18.28 -21.15
N GLN B 71 -43.41 -19.53 -21.38
CA GLN B 71 -44.18 -19.93 -22.55
C GLN B 71 -43.47 -19.49 -23.82
N VAL B 72 -42.18 -19.80 -23.90
CA VAL B 72 -41.35 -19.27 -24.97
C VAL B 72 -41.73 -19.85 -26.32
N GLY B 73 -42.48 -20.95 -26.34
CA GLY B 73 -42.87 -21.54 -27.62
C GLY B 73 -43.77 -20.65 -28.44
N ARG B 74 -44.68 -19.91 -27.79
CA ARG B 74 -45.53 -18.96 -28.50
C ARG B 74 -44.69 -18.04 -29.36
N THR B 75 -43.61 -17.52 -28.81
CA THR B 75 -42.75 -16.65 -29.58
C THR B 75 -42.05 -17.40 -30.69
N LEU B 76 -41.48 -18.55 -30.36
CA LEU B 76 -40.69 -19.28 -31.34
C LEU B 76 -41.54 -19.74 -32.52
N TRP B 77 -42.72 -20.30 -32.25
CA TRP B 77 -43.53 -20.80 -33.34
C TRP B 77 -44.21 -19.69 -34.12
N GLU B 78 -44.25 -18.49 -33.56
CA GLU B 78 -44.64 -17.33 -34.36
C GLU B 78 -43.55 -17.00 -35.37
N ALA B 79 -42.29 -17.09 -34.97
CA ALA B 79 -41.20 -16.84 -35.89
C ALA B 79 -41.18 -17.87 -37.01
N VAL B 80 -41.44 -19.14 -36.68
CA VAL B 80 -41.55 -20.15 -37.73
C VAL B 80 -42.67 -19.81 -38.69
N ARG B 81 -43.80 -19.38 -38.15
CA ARG B 81 -44.92 -19.04 -38.99
C ARG B 81 -44.58 -17.91 -39.94
N ARG B 82 -43.75 -16.96 -39.49
CA ARG B 82 -43.21 -15.94 -40.36
C ARG B 82 -41.93 -16.36 -41.06
N HIS B 83 -41.67 -17.66 -41.12
CA HIS B 83 -40.55 -18.19 -41.90
C HIS B 83 -39.24 -17.59 -41.46
N ALA B 84 -39.11 -17.31 -40.17
CA ALA B 84 -37.85 -16.85 -39.63
C ALA B 84 -36.83 -17.95 -39.74
N ARG B 85 -35.64 -17.60 -40.18
CA ARG B 85 -34.63 -18.62 -40.31
C ARG B 85 -33.95 -18.88 -38.97
N ALA B 86 -33.82 -17.88 -38.10
CA ALA B 86 -33.23 -18.11 -36.79
C ALA B 86 -33.71 -17.05 -35.82
N TYR B 87 -33.34 -17.22 -34.56
CA TYR B 87 -33.60 -16.22 -33.53
C TYR B 87 -32.38 -16.13 -32.64
N ASN B 88 -32.30 -15.05 -31.89
CA ASN B 88 -31.30 -14.87 -30.85
C ASN B 88 -32.01 -14.65 -29.50
N ALA B 89 -31.30 -14.87 -28.41
CA ALA B 89 -31.91 -14.77 -27.09
C ALA B 89 -30.88 -14.40 -26.03
N THR B 90 -31.32 -13.61 -25.05
CA THR B 90 -30.49 -13.20 -23.93
C THR B 90 -31.27 -13.41 -22.64
N VAL B 91 -30.64 -13.99 -21.64
CA VAL B 91 -31.24 -14.23 -20.33
C VAL B 91 -30.42 -13.46 -19.31
N ILE B 92 -31.08 -12.59 -18.56
CA ILE B 92 -30.42 -11.76 -17.54
C ILE B 92 -31.18 -11.89 -16.23
N TRP B 93 -30.45 -12.04 -15.13
CA TRP B 93 -31.02 -11.92 -13.80
C TRP B 93 -30.39 -10.74 -13.04
N TYR B 94 -31.21 -10.06 -12.26
CA TYR B 94 -30.81 -8.94 -11.45
C TYR B 94 -31.36 -9.08 -10.04
N LYS B 95 -30.68 -8.51 -9.05
CA LYS B 95 -31.26 -8.34 -7.73
C LYS B 95 -31.71 -6.90 -7.56
N ILE B 96 -33.00 -6.73 -7.37
CA ILE B 96 -33.64 -5.42 -7.34
C ILE B 96 -33.65 -4.93 -5.91
N GLU B 97 -33.02 -3.78 -5.68
CA GLU B 97 -33.09 -3.10 -4.40
C GLU B 97 -33.58 -1.68 -4.67
N SER B 98 -33.68 -0.86 -3.63
CA SER B 98 -34.33 0.43 -3.78
C SER B 98 -33.36 1.43 -4.39
N GLY B 99 -33.72 2.00 -5.53
CA GLY B 99 -32.85 2.83 -6.32
C GLY B 99 -31.69 2.21 -7.10
N CYS B 100 -31.54 0.89 -7.04
CA CYS B 100 -30.42 0.29 -7.73
C CYS B 100 -30.73 -1.17 -8.07
N ALA B 101 -29.76 -1.85 -8.71
CA ALA B 101 -29.93 -3.22 -9.15
C ALA B 101 -28.57 -3.87 -9.29
N ARG B 102 -28.42 -5.06 -8.74
CA ARG B 102 -27.20 -5.84 -8.92
C ARG B 102 -27.35 -6.77 -10.12
N PRO B 103 -26.42 -6.79 -11.05
CA PRO B 103 -26.42 -7.83 -12.10
C PRO B 103 -25.96 -9.17 -11.56
N LEU B 104 -26.65 -10.23 -11.94
CA LEU B 104 -26.35 -11.55 -11.38
C LEU B 104 -26.02 -12.60 -12.42
N TYR B 105 -26.55 -12.48 -13.63
CA TYR B 105 -26.40 -13.54 -14.61
C TYR B 105 -26.65 -12.92 -15.97
N TYR B 106 -25.82 -13.28 -16.94
CA TYR B 106 -25.98 -12.82 -18.31
C TYR B 106 -25.52 -13.93 -19.23
N MET B 107 -26.35 -14.27 -20.20
CA MET B 107 -26.10 -15.36 -21.13
C MET B 107 -26.68 -15.00 -22.47
N GLU B 108 -25.87 -15.08 -23.51
CA GLU B 108 -26.27 -14.66 -24.83
C GLU B 108 -26.28 -15.88 -25.76
N TYR B 109 -27.37 -16.01 -26.53
CA TYR B 109 -27.61 -17.12 -27.44
C TYR B 109 -27.80 -16.58 -28.84
N THR B 110 -27.09 -17.12 -29.81
CA THR B 110 -27.21 -16.59 -31.15
C THR B 110 -27.28 -17.72 -32.17
N GLU B 111 -27.91 -17.44 -33.30
CA GLU B 111 -28.13 -18.43 -34.37
C GLU B 111 -28.87 -19.65 -33.82
N CYS B 112 -30.11 -19.42 -33.43
CA CYS B 112 -30.89 -20.43 -32.75
C CYS B 112 -31.99 -20.94 -33.66
N GLU B 113 -32.26 -22.24 -33.57
CA GLU B 113 -33.31 -22.89 -34.33
C GLU B 113 -34.66 -22.69 -33.65
N PRO B 114 -35.57 -21.93 -34.25
CA PRO B 114 -36.88 -21.72 -33.64
C PRO B 114 -37.79 -22.91 -33.73
N ARG B 115 -37.45 -23.91 -34.54
CA ARG B 115 -38.26 -25.10 -34.63
C ARG B 115 -37.98 -26.07 -33.50
N LYS B 116 -36.97 -25.81 -32.70
CA LYS B 116 -36.59 -26.66 -31.59
C LYS B 116 -36.84 -25.91 -30.29
N HIS B 117 -36.63 -26.62 -29.18
CA HIS B 117 -36.86 -26.02 -27.88
C HIS B 117 -35.80 -24.98 -27.59
N PHE B 118 -36.15 -24.06 -26.70
CA PHE B 118 -35.31 -22.89 -26.42
C PHE B 118 -33.85 -23.27 -26.28
N GLY B 119 -33.00 -22.50 -26.92
CA GLY B 119 -31.59 -22.63 -26.70
C GLY B 119 -30.86 -23.63 -27.57
N TYR B 120 -31.44 -24.03 -28.70
CA TYR B 120 -30.74 -24.89 -29.64
C TYR B 120 -30.03 -23.94 -30.59
N CYS B 121 -28.85 -23.51 -30.16
CA CYS B 121 -28.21 -22.35 -30.74
C CYS B 121 -26.81 -22.70 -31.18
N ARG B 122 -26.39 -22.11 -32.30
CA ARG B 122 -25.08 -22.38 -32.86
C ARG B 122 -23.97 -21.77 -32.02
N TYR B 123 -24.19 -20.57 -31.49
CA TYR B 123 -23.22 -19.89 -30.67
C TYR B 123 -23.80 -19.56 -29.30
N ARG B 124 -23.03 -19.83 -28.26
CA ARG B 124 -23.36 -19.40 -26.92
C ARG B 124 -22.16 -18.71 -26.31
N THR B 125 -22.43 -17.71 -25.58
CA THR B 125 -21.48 -17.15 -24.66
C THR B 125 -21.43 -18.05 -23.43
N PRO B 126 -20.32 -18.09 -22.68
CA PRO B 126 -20.39 -18.70 -21.36
C PRO B 126 -21.31 -17.89 -20.49
N PRO B 127 -22.03 -18.49 -19.56
CA PRO B 127 -22.81 -17.67 -18.65
C PRO B 127 -21.88 -16.80 -17.82
N PHE B 128 -22.26 -15.54 -17.67
CA PHE B 128 -21.56 -14.57 -16.83
C PHE B 128 -22.27 -14.52 -15.48
N TRP B 129 -21.55 -14.81 -14.41
CA TRP B 129 -22.14 -14.93 -13.09
C TRP B 129 -21.58 -13.90 -12.11
N ASP B 130 -22.42 -13.56 -11.15
CA ASP B 130 -21.98 -13.03 -9.88
C ASP B 130 -21.19 -14.10 -9.14
N SER B 131 -20.04 -13.74 -8.60
CA SER B 131 -19.14 -14.74 -8.02
C SER B 131 -19.73 -15.34 -6.77
N PHE B 132 -20.39 -14.53 -5.96
CA PHE B 132 -20.99 -15.05 -4.74
C PHE B 132 -22.16 -15.97 -5.07
N LEU B 133 -22.96 -15.58 -6.05
CA LEU B 133 -24.15 -16.35 -6.38
C LEU B 133 -23.78 -17.70 -6.99
N ALA B 134 -22.75 -17.71 -7.84
CA ALA B 134 -22.35 -18.93 -8.54
C ALA B 134 -21.90 -20.03 -7.61
N GLY B 135 -21.56 -19.71 -6.35
CA GLY B 135 -21.12 -20.75 -5.43
C GLY B 135 -22.22 -21.66 -4.92
N PHE B 136 -23.47 -21.17 -4.87
CA PHE B 136 -24.55 -21.93 -4.27
C PHE B 136 -25.79 -21.93 -5.16
N ALA B 137 -25.67 -21.57 -6.43
CA ALA B 137 -26.85 -21.46 -7.27
C ALA B 137 -26.48 -21.74 -8.72
N TYR B 138 -27.43 -22.28 -9.48
CA TYR B 138 -27.18 -22.65 -10.87
C TYR B 138 -28.47 -22.51 -11.65
N PRO B 139 -28.41 -22.53 -12.98
CA PRO B 139 -29.64 -22.46 -13.76
C PRO B 139 -30.34 -23.80 -13.80
N THR B 140 -31.65 -23.75 -14.02
CA THR B 140 -32.44 -24.95 -14.22
C THR B 140 -32.10 -25.60 -15.56
N ASP B 141 -32.68 -26.75 -15.82
CA ASP B 141 -32.32 -27.53 -17.00
C ASP B 141 -32.69 -26.81 -18.29
N ASP B 142 -33.83 -26.13 -18.32
CA ASP B 142 -34.11 -25.34 -19.51
C ASP B 142 -33.42 -23.99 -19.48
N GLU B 143 -32.66 -23.71 -18.44
CA GLU B 143 -31.82 -22.52 -18.31
C GLU B 143 -32.64 -21.25 -18.09
N LEU B 144 -33.92 -21.37 -17.76
CA LEU B 144 -34.81 -20.22 -17.62
C LEU B 144 -35.16 -19.91 -16.18
N GLY B 145 -34.75 -20.74 -15.23
CA GLY B 145 -34.94 -20.48 -13.82
C GLY B 145 -33.65 -20.69 -13.06
N LEU B 146 -33.73 -20.50 -11.75
CA LEU B 146 -32.58 -20.62 -10.86
C LEU B 146 -32.87 -21.59 -9.73
N ILE B 147 -31.91 -22.42 -9.41
CA ILE B 147 -31.91 -23.24 -8.21
C ILE B 147 -30.90 -22.66 -7.25
N MET B 148 -31.27 -22.51 -6.00
CA MET B 148 -30.33 -22.06 -4.99
C MET B 148 -30.20 -23.15 -3.94
N ALA B 149 -28.98 -23.40 -3.53
CA ALA B 149 -28.69 -24.50 -2.61
C ALA B 149 -28.44 -23.93 -1.23
N ALA B 150 -29.34 -24.21 -0.29
CA ALA B 150 -29.27 -23.77 1.10
C ALA B 150 -28.86 -22.29 1.26
N PRO B 151 -29.61 -21.36 0.68
CA PRO B 151 -29.13 -19.97 0.65
C PRO B 151 -29.19 -19.29 2.01
N ALA B 152 -28.23 -18.42 2.25
CA ALA B 152 -28.15 -17.63 3.47
C ALA B 152 -29.27 -16.60 3.52
N ARG B 153 -29.60 -16.16 4.73
CA ARG B 153 -30.76 -15.28 4.88
C ARG B 153 -30.55 -13.96 4.15
N LEU B 154 -29.32 -13.51 3.97
CA LEU B 154 -29.08 -12.29 3.23
C LEU B 154 -29.48 -12.38 1.77
N VAL B 155 -29.81 -13.56 1.27
CA VAL B 155 -30.26 -13.72 -0.11
C VAL B 155 -31.71 -13.24 -0.32
N GLU B 156 -32.51 -13.19 0.74
CA GLU B 156 -33.86 -12.64 0.69
C GLU B 156 -33.96 -11.37 -0.14
N GLY B 157 -34.94 -11.32 -1.03
CA GLY B 157 -35.16 -10.09 -1.75
C GLY B 157 -35.94 -10.32 -3.02
N GLN B 158 -35.79 -9.39 -3.94
CA GLN B 158 -36.51 -9.40 -5.21
C GLN B 158 -35.51 -9.70 -6.33
N TYR B 159 -35.87 -10.66 -7.17
CA TYR B 159 -35.00 -11.12 -8.24
C TYR B 159 -35.77 -10.97 -9.52
N ARG B 160 -35.22 -10.25 -10.47
CA ARG B 160 -35.86 -10.02 -11.75
C ARG B 160 -35.17 -10.84 -12.83
N ARG B 161 -35.92 -11.67 -13.54
CA ARG B 161 -35.45 -12.33 -14.74
C ARG B 161 -35.88 -11.56 -15.98
N ALA B 162 -34.93 -11.25 -16.84
CA ALA B 162 -35.18 -10.57 -18.11
C ALA B 162 -34.89 -11.54 -19.24
N LEU B 163 -35.89 -11.79 -20.07
CA LEU B 163 -35.77 -12.74 -21.17
C LEU B 163 -35.97 -12.00 -22.48
N TYR B 164 -34.91 -11.91 -23.26
CA TYR B 164 -34.95 -11.29 -24.58
C TYR B 164 -35.02 -12.36 -25.65
N ILE B 165 -35.93 -12.17 -26.60
CA ILE B 165 -35.98 -12.98 -27.81
C ILE B 165 -36.02 -12.00 -28.97
N ASP B 166 -35.03 -12.08 -29.84
CA ASP B 166 -34.87 -11.11 -30.92
C ASP B 166 -34.98 -9.71 -30.36
N GLY B 167 -34.27 -9.49 -29.26
CA GLY B 167 -34.18 -8.19 -28.65
C GLY B 167 -35.46 -7.67 -28.06
N THR B 168 -36.43 -8.53 -27.79
CA THR B 168 -37.69 -8.12 -27.16
C THR B 168 -37.79 -8.73 -25.77
N VAL B 169 -37.89 -7.90 -24.78
CA VAL B 169 -37.77 -8.33 -23.39
C VAL B 169 -39.13 -8.71 -22.83
N ALA B 170 -39.11 -9.69 -21.93
CA ALA B 170 -40.19 -9.98 -21.00
C ALA B 170 -39.58 -10.17 -19.63
N TYR B 171 -40.27 -9.68 -18.59
CA TYR B 171 -39.74 -9.66 -17.24
C TYR B 171 -40.58 -10.52 -16.32
N THR B 172 -39.94 -11.05 -15.27
CA THR B 172 -40.61 -11.73 -14.18
C THR B 172 -39.86 -11.44 -12.89
N ASP B 173 -40.59 -11.13 -11.84
CA ASP B 173 -40.01 -10.90 -10.53
C ASP B 173 -40.26 -12.08 -9.61
N PHE B 174 -39.29 -12.36 -8.75
CA PHE B 174 -39.42 -13.40 -7.73
C PHE B 174 -39.11 -12.79 -6.37
N MET B 175 -40.02 -12.97 -5.42
CA MET B 175 -39.78 -12.57 -4.03
C MET B 175 -39.32 -13.80 -3.27
N VAL B 176 -38.07 -13.78 -2.84
CA VAL B 176 -37.45 -14.87 -2.11
C VAL B 176 -37.55 -14.59 -0.61
N SER B 177 -38.19 -15.50 0.12
CA SER B 177 -38.35 -15.40 1.57
C SER B 177 -37.73 -16.60 2.24
N LEU B 178 -36.90 -16.35 3.24
CA LEU B 178 -36.17 -17.40 3.95
C LEU B 178 -36.39 -17.25 5.44
N PRO B 179 -37.61 -17.51 5.92
CA PRO B 179 -37.89 -17.26 7.34
C PRO B 179 -37.14 -18.20 8.27
N ALA B 180 -36.68 -19.34 7.79
CA ALA B 180 -35.92 -20.24 8.64
C ALA B 180 -34.47 -19.82 8.81
N GLY B 181 -34.03 -18.78 8.12
CA GLY B 181 -32.73 -18.20 8.38
C GLY B 181 -31.60 -18.97 7.71
N ASP B 182 -30.40 -18.78 8.25
CA ASP B 182 -29.23 -19.41 7.69
C ASP B 182 -29.24 -20.91 7.96
N CYS B 183 -28.79 -21.66 6.97
CA CYS B 183 -28.44 -23.05 7.13
C CYS B 183 -27.00 -23.12 7.64
N TRP B 184 -26.69 -24.16 8.41
CA TRP B 184 -25.38 -24.19 9.06
C TRP B 184 -24.23 -24.17 8.07
N PHE B 185 -24.43 -24.72 6.87
CA PHE B 185 -23.37 -24.75 5.88
C PHE B 185 -23.60 -23.78 4.74
N SER B 186 -24.60 -22.91 4.87
CA SER B 186 -24.80 -21.84 3.89
C SER B 186 -23.52 -21.05 3.65
N LYS B 187 -23.37 -20.61 2.42
CA LYS B 187 -22.23 -19.78 2.04
C LYS B 187 -22.52 -18.32 2.38
N LEU B 188 -21.71 -17.75 3.25
CA LEU B 188 -21.90 -16.38 3.69
C LEU B 188 -21.06 -15.38 2.92
N GLY B 189 -20.18 -15.85 2.06
CA GLY B 189 -19.43 -14.95 1.19
C GLY B 189 -18.53 -15.75 0.28
N ALA B 190 -18.07 -15.07 -0.78
CA ALA B 190 -17.03 -15.63 -1.63
C ALA B 190 -15.72 -15.03 -1.16
N ALA B 191 -14.72 -14.93 -2.02
CA ALA B 191 -13.39 -14.55 -1.60
C ALA B 191 -13.41 -13.20 -0.84
N ARG B 192 -12.55 -13.09 0.16
CA ARG B 192 -12.48 -11.90 1.02
C ARG B 192 -13.82 -11.56 1.63
N GLY B 193 -14.71 -12.55 1.68
CA GLY B 193 -16.01 -12.41 2.28
C GLY B 193 -17.03 -11.70 1.44
N TYR B 194 -16.71 -11.37 0.20
CA TYR B 194 -17.64 -10.59 -0.57
C TYR B 194 -18.92 -11.36 -0.86
N THR B 195 -20.01 -10.62 -0.98
CA THR B 195 -21.35 -11.07 -1.19
C THR B 195 -21.72 -10.66 -2.63
N PHE B 196 -22.99 -10.51 -2.93
CA PHE B 196 -23.37 -9.93 -4.21
C PHE B 196 -22.50 -8.73 -4.54
N GLY B 197 -22.15 -8.60 -5.81
CA GLY B 197 -21.45 -7.44 -6.30
C GLY B 197 -22.35 -6.22 -6.39
N ALA B 198 -21.81 -5.18 -6.98
CA ALA B 198 -22.31 -3.83 -6.77
C ALA B 198 -23.72 -3.63 -7.31
N CYS B 199 -24.50 -2.85 -6.55
CA CYS B 199 -25.83 -2.38 -6.96
C CYS B 199 -25.68 -1.11 -7.78
N PHE B 200 -26.26 -1.08 -8.95
CA PHE B 200 -26.05 0.08 -9.80
C PHE B 200 -27.37 0.80 -10.02
N PRO B 201 -27.40 2.13 -9.94
CA PRO B 201 -28.63 2.84 -10.27
C PRO B 201 -28.95 2.74 -11.74
N ALA B 202 -30.20 3.00 -12.06
CA ALA B 202 -30.67 2.87 -13.44
C ALA B 202 -29.86 3.72 -14.40
N ARG B 203 -29.39 4.89 -13.95
CA ARG B 203 -28.59 5.72 -14.83
C ARG B 203 -27.29 5.04 -15.23
N ASP B 204 -26.64 4.34 -14.31
CA ASP B 204 -25.43 3.64 -14.70
C ASP B 204 -25.71 2.56 -15.74
N TYR B 205 -26.88 1.90 -15.65
CA TYR B 205 -27.27 0.99 -16.71
C TYR B 205 -27.54 1.74 -18.00
N GLU B 206 -28.26 2.85 -17.93
CA GLU B 206 -28.64 3.54 -19.15
C GLU B 206 -27.42 4.13 -19.85
N GLN B 207 -26.51 4.74 -19.10
CA GLN B 207 -25.23 5.27 -19.57
C GLN B 207 -24.23 4.18 -19.88
N LYS B 208 -24.65 2.91 -19.91
CA LYS B 208 -23.85 1.81 -20.42
C LYS B 208 -22.61 1.56 -19.59
N LYS B 209 -22.71 1.73 -18.27
CA LYS B 209 -21.54 1.50 -17.44
C LYS B 209 -21.43 0.08 -16.92
N VAL B 210 -22.48 -0.73 -17.04
CA VAL B 210 -22.42 -2.04 -16.39
C VAL B 210 -21.94 -3.09 -17.38
N LEU B 211 -20.63 -3.20 -17.53
CA LEU B 211 -20.01 -4.06 -18.54
C LEU B 211 -19.87 -5.47 -18.00
N ARG B 212 -20.39 -6.44 -18.73
CA ARG B 212 -20.51 -7.79 -18.18
C ARG B 212 -19.17 -8.40 -17.84
N LEU B 213 -18.17 -8.21 -18.70
CA LEU B 213 -16.88 -8.81 -18.43
C LEU B 213 -16.19 -8.15 -17.25
N THR B 214 -16.53 -6.90 -16.96
CA THR B 214 -15.94 -6.20 -15.82
C THR B 214 -16.52 -6.70 -14.51
N TYR B 215 -17.84 -6.81 -14.42
CA TYR B 215 -18.46 -7.13 -13.15
C TYR B 215 -18.85 -8.60 -13.00
N LEU B 216 -18.97 -9.38 -14.06
CA LEU B 216 -19.35 -10.78 -13.92
C LEU B 216 -18.27 -11.69 -14.50
N THR B 217 -18.26 -12.93 -14.04
CA THR B 217 -17.29 -13.94 -14.43
C THR B 217 -17.91 -14.97 -15.36
N GLN B 218 -17.20 -15.30 -16.43
CA GLN B 218 -17.63 -16.37 -17.31
C GLN B 218 -17.49 -17.69 -16.60
N TYR B 219 -18.52 -18.52 -16.69
CA TYR B 219 -18.58 -19.70 -15.84
C TYR B 219 -19.03 -20.94 -16.62
N TYR B 220 -19.01 -22.05 -15.93
CA TYR B 220 -19.42 -23.38 -16.38
C TYR B 220 -20.80 -23.41 -17.01
N PRO B 221 -21.03 -24.27 -18.00
CA PRO B 221 -22.38 -24.42 -18.54
C PRO B 221 -23.29 -25.06 -17.52
N GLN B 222 -24.59 -25.04 -17.81
CA GLN B 222 -25.61 -25.33 -16.81
C GLN B 222 -25.41 -26.68 -16.13
N GLU B 223 -25.15 -27.74 -16.90
CA GLU B 223 -25.07 -29.07 -16.31
C GLU B 223 -23.83 -29.24 -15.45
N ALA B 224 -22.70 -28.71 -15.87
CA ALA B 224 -21.51 -28.76 -15.04
C ALA B 224 -21.67 -27.90 -13.79
N HIS B 225 -22.28 -26.73 -13.96
CA HIS B 225 -22.51 -25.84 -12.82
C HIS B 225 -23.40 -26.52 -11.79
N LYS B 226 -24.52 -27.10 -12.24
CA LYS B 226 -25.37 -27.92 -11.39
C LYS B 226 -24.58 -29.01 -10.66
N ALA B 227 -23.72 -29.71 -11.38
CA ALA B 227 -23.03 -30.84 -10.77
C ALA B 227 -22.06 -30.40 -9.70
N ILE B 228 -21.44 -29.23 -9.88
CA ILE B 228 -20.45 -28.75 -8.94
C ILE B 228 -21.11 -28.25 -7.67
N VAL B 229 -22.20 -27.49 -7.82
CA VAL B 229 -22.92 -27.01 -6.64
C VAL B 229 -23.59 -28.16 -5.91
N ASP B 230 -24.21 -29.08 -6.65
CA ASP B 230 -24.96 -30.17 -6.02
C ASP B 230 -24.06 -31.03 -5.16
N TYR B 231 -22.81 -31.19 -5.58
CA TYR B 231 -21.87 -32.01 -4.86
C TYR B 231 -21.54 -31.38 -3.52
N TRP B 232 -21.27 -30.07 -3.51
CA TRP B 232 -21.07 -29.35 -2.26
C TRP B 232 -22.33 -29.39 -1.40
N PHE B 233 -23.50 -29.23 -2.02
CA PHE B 233 -24.75 -29.34 -1.29
C PHE B 233 -24.94 -30.74 -0.71
N MET B 234 -24.73 -31.77 -1.53
CA MET B 234 -24.96 -33.14 -1.09
C MET B 234 -23.94 -33.62 -0.09
N ARG B 235 -22.71 -33.11 -0.15
CA ARG B 235 -21.69 -33.52 0.81
C ARG B 235 -22.06 -33.08 2.22
N HIS B 236 -22.78 -31.98 2.36
CA HIS B 236 -23.24 -31.47 3.65
C HIS B 236 -24.63 -31.94 4.00
N GLY B 237 -25.08 -33.04 3.43
CA GLY B 237 -26.38 -33.58 3.75
C GLY B 237 -27.51 -33.13 2.85
N GLY B 238 -27.26 -32.19 1.94
CA GLY B 238 -28.34 -31.61 1.18
C GLY B 238 -29.03 -32.61 0.26
N VAL B 239 -30.31 -32.36 0.01
CA VAL B 239 -31.18 -33.28 -0.72
C VAL B 239 -31.65 -32.57 -1.97
N VAL B 240 -31.26 -33.08 -3.13
CA VAL B 240 -31.60 -32.46 -4.41
C VAL B 240 -32.86 -33.15 -4.93
N PRO B 241 -34.01 -32.48 -4.93
CA PRO B 241 -35.19 -33.05 -5.55
C PRO B 241 -35.01 -33.09 -7.07
N PRO B 242 -35.55 -34.11 -7.74
CA PRO B 242 -35.33 -34.20 -9.19
C PRO B 242 -36.05 -33.12 -9.96
N TYR B 243 -37.17 -32.63 -9.44
CA TYR B 243 -37.94 -31.58 -10.10
C TYR B 243 -38.51 -30.60 -9.09
N PHE B 244 -38.86 -29.43 -9.59
CA PHE B 244 -39.44 -28.38 -8.80
C PHE B 244 -40.72 -27.94 -9.45
N GLU B 245 -41.73 -27.67 -8.64
CA GLU B 245 -42.91 -27.04 -9.19
C GLU B 245 -42.60 -25.59 -9.51
N GLU B 246 -43.29 -25.08 -10.50
CA GLU B 246 -43.35 -23.67 -10.78
C GLU B 246 -43.57 -22.85 -9.50
N SER B 247 -42.92 -21.69 -9.44
CA SER B 247 -43.16 -20.78 -8.33
C SER B 247 -44.56 -20.20 -8.43
N LYS B 248 -45.26 -20.17 -7.31
CA LYS B 248 -46.66 -19.79 -7.31
C LYS B 248 -46.84 -18.28 -7.26
N GLY B 249 -47.99 -17.84 -7.70
CA GLY B 249 -48.36 -16.45 -7.66
C GLY B 249 -48.94 -15.97 -6.36
N TYR B 250 -48.78 -16.71 -5.26
CA TYR B 250 -49.33 -16.29 -3.98
C TYR B 250 -48.45 -16.83 -2.88
N GLU B 251 -48.68 -16.34 -1.67
CA GLU B 251 -48.08 -16.86 -0.46
C GLU B 251 -49.16 -17.20 0.56
N PRO B 252 -48.93 -18.20 1.42
CA PRO B 252 -49.91 -18.61 2.45
C PRO B 252 -50.37 -17.47 3.34
N ALA C 9 37.68 -7.58 -11.31
CA ALA C 9 39.09 -7.38 -11.64
C ALA C 9 39.34 -6.04 -12.36
N PRO C 10 38.66 -5.76 -13.49
CA PRO C 10 39.00 -4.55 -14.24
C PRO C 10 38.74 -3.28 -13.45
N ARG C 11 39.59 -2.28 -13.67
CA ARG C 11 39.59 -1.04 -12.91
C ARG C 11 39.47 0.13 -13.86
N VAL C 12 38.24 0.52 -14.20
CA VAL C 12 38.04 1.41 -15.33
C VAL C 12 36.86 2.33 -15.04
N THR C 13 36.77 3.43 -15.80
CA THR C 13 35.60 4.27 -15.70
C THR C 13 34.42 3.62 -16.42
N VAL C 14 33.22 4.08 -16.08
CA VAL C 14 31.99 3.54 -16.63
C VAL C 14 31.10 4.71 -17.01
N TYR C 15 30.26 4.53 -18.01
CA TYR C 15 29.32 5.58 -18.39
C TYR C 15 28.27 5.80 -17.32
N VAL C 16 27.94 7.06 -17.08
CA VAL C 16 26.94 7.43 -16.09
C VAL C 16 26.29 8.72 -16.55
N ASP C 17 25.08 8.96 -16.07
CA ASP C 17 24.47 10.24 -16.28
C ASP C 17 25.22 11.31 -15.49
N PRO C 18 25.12 12.57 -15.89
CA PRO C 18 25.79 13.64 -15.15
C PRO C 18 25.20 13.77 -13.76
N PRO C 19 25.85 14.50 -12.86
CA PRO C 19 25.32 14.61 -11.48
C PRO C 19 23.89 15.08 -11.48
N ALA C 20 23.10 14.52 -10.58
CA ALA C 20 21.70 14.90 -10.55
C ALA C 20 21.54 16.27 -9.92
N TYR C 21 20.50 16.96 -10.32
CA TYR C 21 20.08 18.21 -9.72
C TYR C 21 18.78 17.97 -8.95
N PRO C 22 18.84 17.59 -7.68
CA PRO C 22 17.63 17.24 -6.94
C PRO C 22 16.89 18.45 -6.41
N MET C 23 15.61 18.28 -6.24
CA MET C 23 14.88 19.37 -5.62
C MET C 23 15.19 19.38 -4.12
N PRO C 24 15.33 20.55 -3.52
CA PRO C 24 15.51 20.63 -2.07
C PRO C 24 14.26 20.24 -1.32
N ARG C 25 14.49 19.81 -0.08
CA ARG C 25 13.40 19.47 0.84
C ARG C 25 12.42 20.63 1.03
N TYR C 26 12.89 21.87 1.12
CA TYR C 26 12.03 23.01 1.44
C TYR C 26 12.75 24.33 1.17
N ASN C 27 11.98 25.41 0.98
CA ASN C 27 12.52 26.75 0.83
C ASN C 27 13.09 27.27 2.15
N TYR C 28 14.33 27.70 2.15
CA TYR C 28 14.91 28.38 3.30
C TYR C 28 15.78 29.55 2.86
N THR C 29 16.22 30.35 3.82
CA THR C 29 17.11 31.47 3.58
C THR C 29 18.53 31.07 3.95
N GLU C 30 19.43 31.16 3.00
CA GLU C 30 20.84 30.84 3.22
C GLU C 30 21.55 32.09 3.71
N ARG C 31 22.35 31.94 4.77
CA ARG C 31 23.07 33.06 5.36
C ARG C 31 24.52 33.02 4.90
N TRP C 32 24.89 33.95 4.05
CA TRP C 32 26.18 33.92 3.38
C TRP C 32 27.25 34.68 4.16
N HIS C 33 28.47 34.13 4.08
CA HIS C 33 29.67 34.78 4.58
C HIS C 33 29.56 35.16 6.05
N THR C 34 28.85 34.34 6.82
CA THR C 34 28.98 34.45 8.25
C THR C 34 30.31 33.90 8.69
N THR C 35 30.71 34.26 9.90
CA THR C 35 31.93 33.73 10.46
C THR C 35 31.82 33.75 11.98
N GLY C 36 32.80 33.16 12.63
CA GLY C 36 32.80 33.03 14.06
C GLY C 36 33.72 31.90 14.47
N PRO C 37 34.23 31.95 15.70
CA PRO C 37 35.20 30.94 16.12
C PRO C 37 34.53 29.61 16.38
N ILE C 38 35.23 28.54 16.04
CA ILE C 38 34.66 27.21 16.19
C ILE C 38 34.89 26.73 17.62
N PRO C 39 33.84 26.30 18.31
CA PRO C 39 34.01 25.79 19.68
C PRO C 39 35.08 24.72 19.79
N SER C 40 35.57 24.49 20.98
CA SER C 40 36.57 23.45 21.14
C SER C 40 35.90 22.08 21.24
N PRO C 41 36.59 21.02 20.84
CA PRO C 41 36.01 19.68 20.90
C PRO C 41 36.27 18.89 22.18
N PHE C 42 37.04 19.46 23.08
CA PHE C 42 37.42 18.80 24.28
C PHE C 42 36.64 19.25 25.45
N ALA C 43 36.48 18.32 26.37
CA ALA C 43 35.73 18.48 27.60
C ALA C 43 36.35 17.59 28.66
N GLU C 47 26.71 10.71 29.40
CA GLU C 47 27.54 11.62 30.17
C GLU C 47 29.00 11.24 29.98
N GLN C 48 29.86 12.24 29.80
CA GLN C 48 31.29 12.03 29.54
C GLN C 48 31.85 10.94 30.43
N PRO C 49 32.55 9.96 29.84
CA PRO C 49 33.18 9.85 28.51
C PRO C 49 32.29 9.88 27.26
N VAL C 50 32.93 10.18 26.12
CA VAL C 50 32.23 10.31 24.85
C VAL C 50 31.87 8.94 24.31
N GLU C 51 30.65 8.81 23.82
CA GLU C 51 30.20 7.59 23.16
C GLU C 51 31.12 7.28 21.98
N VAL C 52 31.56 6.03 21.87
CA VAL C 52 32.51 5.62 20.85
C VAL C 52 31.88 4.60 19.91
N ARG C 53 31.93 4.88 18.61
CA ARG C 53 31.52 3.96 17.57
C ARG C 53 32.69 3.66 16.65
N TYR C 54 32.53 2.62 15.83
CA TYR C 54 33.59 2.09 14.98
C TYR C 54 33.10 1.96 13.54
N ALA C 55 33.95 2.38 12.60
CA ALA C 55 33.61 2.36 11.18
C ALA C 55 34.81 1.89 10.39
N THR C 56 34.69 0.71 9.81
CA THR C 56 35.66 0.14 8.89
C THR C 56 34.95 -0.13 7.56
N SER C 57 35.69 -0.62 6.58
CA SER C 57 35.02 -1.11 5.38
C SER C 57 35.83 -2.25 4.78
N ALA C 58 35.11 -3.25 4.29
CA ALA C 58 35.75 -4.50 3.88
C ALA C 58 36.67 -4.29 2.68
N ALA C 59 36.23 -3.53 1.68
CA ALA C 59 36.99 -3.28 0.47
C ALA C 59 37.27 -1.80 0.32
N ALA C 60 38.37 -1.48 -0.38
CA ALA C 60 38.86 -0.12 -0.37
C ALA C 60 37.99 0.82 -1.19
N CYS C 61 37.28 0.33 -2.19
CA CYS C 61 36.43 1.21 -2.96
C CYS C 61 35.00 1.19 -2.47
N ASP C 62 34.77 0.63 -1.29
CA ASP C 62 33.48 0.68 -0.63
C ASP C 62 33.16 2.09 -0.18
N MET C 63 31.89 2.30 0.13
CA MET C 63 31.44 3.50 0.80
C MET C 63 31.52 3.27 2.30
N LEU C 64 31.86 4.32 3.04
CA LEU C 64 32.04 4.25 4.49
C LEU C 64 31.10 5.26 5.13
N ALA C 65 30.39 4.83 6.16
CA ALA C 65 29.35 5.64 6.78
C ALA C 65 29.64 5.84 8.26
N LEU C 66 29.45 7.07 8.73
CA LEU C 66 29.47 7.39 10.17
C LEU C 66 28.05 7.71 10.59
N ILE C 67 27.33 6.74 11.11
CA ILE C 67 25.93 6.92 11.47
C ILE C 67 25.77 6.62 12.95
N ALA C 68 25.14 7.56 13.66
CA ALA C 68 24.81 7.37 15.08
C ALA C 68 23.62 8.30 15.38
N ASP C 69 22.41 7.74 15.30
CA ASP C 69 21.20 8.47 15.57
C ASP C 69 21.37 9.14 16.92
N PRO C 70 21.39 10.47 16.97
CA PRO C 70 21.63 11.18 18.22
C PRO C 70 20.39 11.42 19.07
N GLN C 71 19.26 10.82 18.71
CA GLN C 71 18.01 10.93 19.45
C GLN C 71 17.46 12.34 19.44
N VAL C 72 17.76 13.09 18.39
CA VAL C 72 17.27 14.45 18.24
C VAL C 72 15.76 14.50 18.23
N GLY C 73 15.12 13.43 17.74
CA GLY C 73 13.67 13.42 17.69
C GLY C 73 13.04 13.52 19.05
N ARG C 74 13.64 12.85 20.02
CA ARG C 74 13.31 13.02 21.43
C ARG C 74 13.38 14.47 21.85
N THR C 75 14.55 15.06 21.65
CA THR C 75 14.80 16.43 22.04
C THR C 75 13.78 17.39 21.45
N LEU C 76 13.37 17.15 20.21
CA LEU C 76 12.41 18.03 19.58
C LEU C 76 11.00 17.77 20.11
N TRP C 77 10.69 16.51 20.40
CA TRP C 77 9.37 16.19 20.91
C TRP C 77 9.20 16.74 22.32
N GLU C 78 10.27 16.78 23.10
CA GLU C 78 10.27 17.48 24.37
C GLU C 78 10.00 18.97 24.18
N ALA C 79 10.61 19.57 23.17
CA ALA C 79 10.43 21.00 22.93
C ALA C 79 9.00 21.35 22.53
N VAL C 80 8.32 20.46 21.84
CA VAL C 80 6.95 20.72 21.50
C VAL C 80 6.05 20.66 22.74
N ARG C 81 6.34 19.72 23.64
CA ARG C 81 5.57 19.48 24.86
C ARG C 81 5.58 20.63 25.84
N ARG C 82 6.74 21.27 25.92
CA ARG C 82 7.06 22.48 26.65
C ARG C 82 6.72 23.17 25.40
N HIS C 83 6.02 24.29 25.36
CA HIS C 83 5.61 24.79 24.03
C HIS C 83 6.67 25.58 23.31
N ALA C 84 7.81 24.99 22.99
CA ALA C 84 8.81 25.86 22.38
C ALA C 84 8.37 26.34 21.01
N ARG C 85 8.49 27.65 20.79
CA ARG C 85 8.25 28.21 19.47
C ARG C 85 9.23 27.67 18.42
N ALA C 86 10.48 27.44 18.82
CA ALA C 86 11.53 27.18 17.84
C ALA C 86 12.76 26.65 18.56
N TYR C 87 13.72 26.19 17.79
CA TYR C 87 14.99 25.74 18.31
C TYR C 87 16.09 26.15 17.34
N ASN C 88 17.32 26.02 17.80
CA ASN C 88 18.53 26.27 17.05
C ASN C 88 19.33 24.98 17.03
N ALA C 89 20.27 24.90 16.09
CA ALA C 89 21.09 23.70 16.03
C ALA C 89 22.39 24.00 15.31
N THR C 90 23.42 23.24 15.64
CA THR C 90 24.72 23.38 15.03
C THR C 90 25.37 22.01 14.96
N VAL C 91 25.96 21.69 13.82
CA VAL C 91 26.60 20.39 13.62
C VAL C 91 28.04 20.65 13.23
N ILE C 92 28.95 19.95 13.89
CA ILE C 92 30.37 20.21 13.78
C ILE C 92 31.08 18.87 13.80
N TRP C 93 31.99 18.67 12.86
CA TRP C 93 32.87 17.50 12.91
C TRP C 93 34.32 17.93 13.05
N TYR C 94 35.12 17.04 13.60
CA TYR C 94 36.52 17.28 13.84
C TYR C 94 37.29 15.99 13.63
N LYS C 95 38.55 16.11 13.26
CA LYS C 95 39.47 14.98 13.30
C LYS C 95 40.34 15.15 14.54
N ILE C 96 40.24 14.22 15.47
CA ILE C 96 40.98 14.30 16.70
C ILE C 96 42.29 13.59 16.57
N GLU C 97 43.35 14.36 16.66
CA GLU C 97 44.66 13.81 16.49
C GLU C 97 45.33 14.09 17.81
N SER C 98 46.33 13.30 18.16
CA SER C 98 46.94 13.51 19.46
C SER C 98 47.55 14.88 19.58
N GLY C 99 46.99 15.58 20.53
CA GLY C 99 47.36 16.93 20.85
C GLY C 99 46.61 17.94 20.05
N CYS C 100 45.82 17.54 19.06
CA CYS C 100 45.11 18.54 18.27
C CYS C 100 43.87 18.11 17.58
N ALA C 101 43.12 19.09 17.12
CA ALA C 101 41.91 18.79 16.39
C ALA C 101 41.75 19.59 15.13
N ARG C 102 41.47 18.93 14.02
CA ARG C 102 41.26 19.63 12.76
C ARG C 102 39.79 19.80 12.54
N PRO C 103 39.35 21.00 12.30
CA PRO C 103 37.93 21.17 12.00
C PRO C 103 37.60 20.65 10.61
N LEU C 104 36.42 20.08 10.45
CA LEU C 104 36.03 19.43 9.21
C LEU C 104 34.71 19.93 8.66
N TYR C 105 33.75 20.19 9.52
CA TYR C 105 32.41 20.50 9.08
C TYR C 105 31.81 21.41 10.12
N TYR C 106 31.15 22.46 9.67
CA TYR C 106 30.44 23.35 10.55
C TYR C 106 29.18 23.79 9.84
N MET C 107 28.02 23.60 10.48
CA MET C 107 26.77 24.06 9.90
C MET C 107 25.83 24.54 10.98
N GLU C 108 25.13 25.62 10.68
CA GLU C 108 24.35 26.34 11.68
C GLU C 108 22.91 26.44 11.21
N TYR C 109 22.02 25.87 11.99
CA TYR C 109 20.58 25.96 11.75
C TYR C 109 19.95 26.89 12.75
N THR C 110 18.94 27.62 12.30
CA THR C 110 18.42 28.74 13.04
C THR C 110 16.94 28.89 12.73
N GLU C 111 16.14 29.12 13.77
CA GLU C 111 14.71 29.36 13.63
C GLU C 111 13.99 28.11 13.09
N CYS C 112 14.25 27.00 13.74
CA CYS C 112 13.78 25.69 13.29
C CYS C 112 12.47 25.30 13.96
N GLU C 113 11.65 24.54 13.24
CA GLU C 113 10.32 24.18 13.68
C GLU C 113 10.36 22.82 14.35
N PRO C 114 10.02 22.69 15.64
CA PRO C 114 10.19 21.41 16.32
C PRO C 114 9.08 20.40 16.05
N ARG C 115 7.94 20.82 15.51
CA ARG C 115 6.93 19.86 15.11
C ARG C 115 7.32 19.12 13.84
N LYS C 116 8.37 19.52 13.16
CA LYS C 116 8.83 18.82 11.97
C LYS C 116 10.16 18.15 12.26
N HIS C 117 10.58 17.33 11.35
CA HIS C 117 11.81 16.57 11.47
C HIS C 117 13.01 17.49 11.50
N PHE C 118 14.08 17.05 12.12
CA PHE C 118 15.24 17.89 12.30
C PHE C 118 15.65 18.54 11.03
N GLY C 119 15.84 19.82 11.16
CA GLY C 119 16.17 20.70 10.10
C GLY C 119 15.13 21.56 9.43
N TYR C 120 13.86 21.67 9.85
CA TYR C 120 13.08 22.59 9.04
C TYR C 120 13.29 23.98 9.63
N CYS C 121 14.29 24.68 9.11
CA CYS C 121 14.80 25.91 9.71
C CYS C 121 14.69 27.08 8.73
N ARG C 122 14.28 28.24 9.24
CA ARG C 122 14.11 29.38 8.35
C ARG C 122 15.44 29.88 7.82
N TYR C 123 16.52 29.71 8.57
CA TYR C 123 17.84 30.14 8.15
C TYR C 123 18.79 28.98 8.28
N ARG C 124 19.59 28.77 7.25
CA ARG C 124 20.74 27.90 7.31
C ARG C 124 21.92 28.70 6.82
N THR C 125 23.07 28.41 7.36
CA THR C 125 24.27 28.79 6.65
C THR C 125 24.55 27.72 5.61
N PRO C 126 25.38 28.02 4.61
CA PRO C 126 26.02 26.95 3.88
C PRO C 126 26.87 26.13 4.83
N PRO C 127 27.00 24.83 4.61
CA PRO C 127 27.91 24.06 5.45
C PRO C 127 29.35 24.44 5.14
N PHE C 128 30.11 24.70 6.18
CA PHE C 128 31.51 25.03 6.02
C PHE C 128 32.31 23.74 6.04
N TRP C 129 33.12 23.52 5.00
CA TRP C 129 33.80 22.25 4.81
C TRP C 129 35.31 22.41 4.70
N ASP C 130 36.04 21.39 5.11
CA ASP C 130 37.44 21.23 4.78
C ASP C 130 37.57 20.73 3.34
N SER C 131 38.32 21.48 2.52
CA SER C 131 38.26 21.30 1.07
C SER C 131 38.65 19.90 0.65
N PHE C 132 39.61 19.29 1.32
CA PHE C 132 39.97 17.93 0.97
C PHE C 132 38.82 16.97 1.25
N LEU C 133 38.23 17.06 2.44
CA LEU C 133 37.18 16.12 2.80
C LEU C 133 35.97 16.25 1.89
N ALA C 134 35.67 17.46 1.44
CA ALA C 134 34.46 17.69 0.67
C ALA C 134 34.53 17.06 -0.70
N GLY C 135 35.72 16.68 -1.16
CA GLY C 135 35.84 16.07 -2.46
C GLY C 135 35.37 14.63 -2.50
N PHE C 136 35.34 13.96 -1.35
CA PHE C 136 34.95 12.56 -1.33
C PHE C 136 33.98 12.23 -0.20
N ALA C 137 33.38 13.22 0.44
CA ALA C 137 32.52 12.96 1.58
C ALA C 137 31.37 13.94 1.56
N TYR C 138 30.26 13.54 2.16
CA TYR C 138 29.08 14.39 2.20
C TYR C 138 28.22 13.95 3.36
N PRO C 139 27.25 14.77 3.75
CA PRO C 139 26.37 14.40 4.84
C PRO C 139 25.30 13.41 4.39
N THR C 140 24.88 12.60 5.35
CA THR C 140 23.71 11.75 5.15
C THR C 140 22.46 12.61 4.96
N ASP C 141 21.41 11.98 4.47
CA ASP C 141 20.17 12.69 4.21
C ASP C 141 19.63 13.40 5.44
N ASP C 142 19.79 12.82 6.64
CA ASP C 142 19.29 13.55 7.79
C ASP C 142 20.24 14.61 8.29
N GLU C 143 21.47 14.63 7.77
CA GLU C 143 22.50 15.64 7.96
C GLU C 143 23.23 15.47 9.27
N LEU C 144 22.94 14.42 10.02
CA LEU C 144 23.62 14.13 11.27
C LEU C 144 24.71 13.10 11.11
N GLY C 145 24.80 12.44 9.95
CA GLY C 145 25.84 11.48 9.69
C GLY C 145 26.73 11.90 8.53
N LEU C 146 27.71 11.05 8.27
CA LEU C 146 28.74 11.32 7.29
C LEU C 146 28.92 10.12 6.39
N ILE C 147 29.05 10.35 5.09
CA ILE C 147 29.33 9.28 4.14
C ILE C 147 30.64 9.58 3.43
N MET C 148 31.49 8.56 3.31
CA MET C 148 32.79 8.69 2.66
C MET C 148 32.91 7.75 1.47
N ALA C 149 33.17 8.31 0.31
CA ALA C 149 33.29 7.54 -0.93
C ALA C 149 34.74 7.09 -1.08
N ALA C 150 34.98 5.81 -0.88
CA ALA C 150 36.27 5.18 -1.01
C ALA C 150 37.38 6.07 -0.45
N PRO C 151 37.40 6.32 0.84
CA PRO C 151 38.41 7.22 1.40
C PRO C 151 39.79 6.63 1.33
N ALA C 152 40.78 7.49 1.16
CA ALA C 152 42.16 7.02 1.16
C ALA C 152 42.55 6.57 2.56
N ARG C 153 43.54 5.68 2.63
CA ARG C 153 43.88 5.09 3.93
C ARG C 153 44.25 6.16 4.94
N LEU C 154 44.84 7.25 4.49
CA LEU C 154 45.26 8.26 5.45
C LEU C 154 44.08 8.98 6.08
N VAL C 155 42.85 8.66 5.68
CA VAL C 155 41.69 9.20 6.38
C VAL C 155 41.47 8.50 7.71
N GLU C 156 42.03 7.31 7.90
CA GLU C 156 42.01 6.60 9.18
C GLU C 156 42.20 7.55 10.36
N GLY C 157 41.43 7.33 11.41
CA GLY C 157 41.60 8.16 12.59
C GLY C 157 40.33 8.24 13.42
N GLN C 158 40.18 9.36 14.12
CA GLN C 158 39.12 9.57 15.09
C GLN C 158 38.33 10.80 14.72
N TYR C 159 37.07 10.61 14.40
CA TYR C 159 36.18 11.70 14.01
C TYR C 159 35.19 11.97 15.12
N ARG C 160 35.09 13.22 15.51
CA ARG C 160 34.21 13.64 16.59
C ARG C 160 33.11 14.50 16.03
N ARG C 161 31.88 14.13 16.33
CA ARG C 161 30.72 14.93 15.95
C ARG C 161 30.24 15.69 17.17
N ALA C 162 29.97 16.96 17.00
CA ALA C 162 29.42 17.79 18.05
C ALA C 162 28.06 18.28 17.57
N LEU C 163 27.03 17.96 18.32
CA LEU C 163 25.68 18.39 18.00
C LEU C 163 25.19 19.31 19.09
N TYR C 164 24.73 20.47 18.71
CA TYR C 164 24.23 21.42 19.63
C TYR C 164 22.79 21.65 19.31
N ILE C 165 21.93 21.63 20.31
CA ILE C 165 20.56 21.95 20.09
C ILE C 165 20.17 22.92 21.17
N ASP C 166 19.82 24.12 20.78
CA ASP C 166 19.44 25.17 21.70
C ASP C 166 20.61 25.50 22.60
N GLY C 167 21.82 25.23 22.11
CA GLY C 167 23.03 25.51 22.81
C GLY C 167 23.54 24.39 23.68
N THR C 168 22.75 23.34 23.90
CA THR C 168 23.23 22.20 24.66
C THR C 168 23.83 21.18 23.69
N VAL C 169 24.92 20.55 24.11
CA VAL C 169 25.83 19.88 23.20
C VAL C 169 25.93 18.42 23.56
N ALA C 170 26.04 17.55 22.54
CA ALA C 170 26.34 16.14 22.70
C ALA C 170 27.43 15.75 21.71
N TYR C 171 28.30 14.83 22.12
CA TYR C 171 29.47 14.43 21.36
C TYR C 171 29.40 12.97 21.00
N THR C 172 29.90 12.62 19.82
CA THR C 172 30.05 11.22 19.43
C THR C 172 31.39 11.07 18.72
N ASP C 173 32.06 9.95 18.96
CA ASP C 173 33.35 9.67 18.35
C ASP C 173 33.26 8.47 17.43
N PHE C 174 33.99 8.54 16.32
CA PHE C 174 34.02 7.48 15.34
C PHE C 174 35.46 7.10 15.05
N MET C 175 35.81 5.85 15.30
CA MET C 175 37.14 5.34 15.00
C MET C 175 37.10 4.70 13.62
N VAL C 176 37.62 5.41 12.63
CA VAL C 176 37.67 4.96 11.24
C VAL C 176 38.96 4.19 11.01
N SER C 177 38.84 2.90 10.72
CA SER C 177 39.99 2.07 10.40
C SER C 177 39.79 1.48 9.01
N LEU C 178 40.78 1.67 8.14
CA LEU C 178 40.69 1.25 6.74
C LEU C 178 41.80 0.27 6.44
N PRO C 179 41.69 -0.96 6.90
CA PRO C 179 42.74 -1.95 6.61
C PRO C 179 42.89 -2.27 5.13
N ALA C 180 41.84 -2.09 4.34
CA ALA C 180 41.90 -2.44 2.94
C ALA C 180 42.87 -1.56 2.17
N GLY C 181 43.22 -0.40 2.71
CA GLY C 181 44.15 0.49 2.04
C GLY C 181 43.46 1.44 1.10
N ASP C 182 44.26 2.18 0.35
CA ASP C 182 43.74 3.08 -0.67
C ASP C 182 42.96 2.29 -1.71
N CYS C 183 41.98 2.96 -2.31
CA CYS C 183 41.30 2.50 -3.51
C CYS C 183 42.01 3.08 -4.73
N TRP C 184 41.87 2.39 -5.86
CA TRP C 184 42.64 2.83 -7.02
C TRP C 184 42.25 4.23 -7.43
N PHE C 185 41.02 4.65 -7.14
CA PHE C 185 40.63 6.00 -7.48
C PHE C 185 40.45 6.91 -6.26
N SER C 186 40.95 6.52 -5.10
CA SER C 186 40.81 7.35 -3.91
C SER C 186 41.40 8.73 -4.13
N LYS C 187 40.66 9.76 -3.72
CA LYS C 187 41.18 11.11 -3.78
C LYS C 187 42.26 11.30 -2.72
N LEU C 188 43.48 11.56 -3.17
CA LEU C 188 44.63 11.69 -2.30
C LEU C 188 45.03 13.14 -2.03
N GLY C 189 44.36 14.10 -2.64
CA GLY C 189 44.67 15.49 -2.33
C GLY C 189 43.72 16.43 -3.04
N ALA C 190 43.79 17.69 -2.64
CA ALA C 190 43.07 18.78 -3.28
C ALA C 190 44.10 19.70 -3.95
N ALA C 191 43.72 20.95 -4.20
CA ALA C 191 44.65 21.88 -4.85
C ALA C 191 46.01 21.84 -4.17
N ARG C 192 47.07 21.86 -4.98
CA ARG C 192 48.45 21.76 -4.55
C ARG C 192 48.73 20.45 -3.82
N GLY C 193 47.81 19.52 -3.88
CA GLY C 193 47.99 18.28 -3.19
C GLY C 193 47.77 18.34 -1.71
N TYR C 194 47.26 19.46 -1.24
CA TYR C 194 47.01 19.59 0.16
C TYR C 194 45.90 18.66 0.55
N THR C 195 46.05 18.12 1.74
CA THR C 195 45.15 17.19 2.35
C THR C 195 44.26 17.90 3.34
N PHE C 196 44.19 17.39 4.56
CA PHE C 196 43.39 17.94 5.60
C PHE C 196 43.93 19.29 6.00
N GLY C 197 43.10 20.06 6.62
CA GLY C 197 43.47 21.35 7.10
C GLY C 197 44.28 21.24 8.38
N ALA C 198 44.71 22.37 8.90
CA ALA C 198 45.55 22.39 10.10
C ALA C 198 44.96 21.80 11.36
N CYS C 199 45.81 21.18 12.14
CA CYS C 199 45.43 20.51 13.38
C CYS C 199 45.69 21.41 14.58
N PHE C 200 44.70 22.23 14.93
CA PHE C 200 44.84 23.17 16.04
C PHE C 200 44.79 22.43 17.38
N PRO C 201 45.45 22.97 18.40
CA PRO C 201 45.35 22.40 19.74
C PRO C 201 44.23 23.09 20.52
N ALA C 202 43.92 22.51 21.67
CA ALA C 202 42.83 23.01 22.49
C ALA C 202 42.96 24.50 22.71
N ARG C 203 44.17 24.98 22.97
CA ARG C 203 44.36 26.40 23.28
C ARG C 203 43.77 27.28 22.20
N ASP C 204 44.07 27.00 20.93
CA ASP C 204 43.65 27.90 19.87
C ASP C 204 42.14 28.01 19.80
N TYR C 205 41.44 26.89 19.97
CA TYR C 205 39.98 26.93 20.03
C TYR C 205 39.51 27.76 21.21
N GLU C 206 40.07 27.49 22.39
CA GLU C 206 39.67 28.23 23.58
C GLU C 206 39.86 29.72 23.39
N GLN C 207 40.86 30.11 22.62
CA GLN C 207 41.22 31.51 22.42
C GLN C 207 40.51 32.13 21.23
N LYS C 208 39.53 31.43 20.64
CA LYS C 208 38.69 31.97 19.57
C LYS C 208 39.49 32.30 18.31
N LYS C 209 40.50 31.49 18.03
CA LYS C 209 41.33 31.75 16.86
C LYS C 209 40.89 30.97 15.62
N VAL C 210 40.05 29.95 15.77
CA VAL C 210 39.77 29.02 14.65
C VAL C 210 38.48 29.50 14.00
N LEU C 211 38.60 30.53 13.19
CA LEU C 211 37.41 31.10 12.54
C LEU C 211 37.01 30.24 11.36
N ARG C 212 35.71 30.04 11.20
CA ARG C 212 35.24 29.08 10.21
C ARG C 212 35.44 29.60 8.79
N LEU C 213 35.18 30.88 8.56
CA LEU C 213 35.32 31.44 7.23
C LEU C 213 36.77 31.55 6.79
N THR C 214 37.73 31.29 7.68
CA THR C 214 39.14 31.38 7.33
C THR C 214 39.82 30.02 7.18
N TYR C 215 39.28 28.95 7.77
CA TYR C 215 39.88 27.64 7.60
C TYR C 215 38.94 26.62 6.97
N LEU C 216 37.69 26.98 6.72
CA LEU C 216 36.75 26.12 6.03
C LEU C 216 36.12 26.87 4.87
N THR C 217 35.51 26.12 3.96
CA THR C 217 34.88 26.67 2.76
C THR C 217 33.38 26.40 2.78
N GLN C 218 32.60 27.43 2.47
CA GLN C 218 31.16 27.25 2.31
C GLN C 218 30.88 26.43 1.05
N TYR C 219 29.97 25.47 1.15
CA TYR C 219 29.84 24.44 0.13
C TYR C 219 28.39 24.10 -0.18
N TYR C 220 28.23 23.09 -1.02
CA TYR C 220 26.94 22.70 -1.55
C TYR C 220 26.00 22.16 -0.46
N PRO C 221 24.71 22.40 -0.57
CA PRO C 221 23.77 21.71 0.31
C PRO C 221 23.79 20.20 0.09
N GLN C 222 23.26 19.46 1.06
CA GLN C 222 23.44 18.01 1.13
C GLN C 222 23.01 17.31 -0.15
N GLU C 223 21.86 17.67 -0.70
CA GLU C 223 21.36 16.99 -1.89
C GLU C 223 22.38 17.06 -3.02
N ALA C 224 22.78 18.28 -3.38
CA ALA C 224 23.72 18.44 -4.48
C ALA C 224 25.11 17.96 -4.09
N HIS C 225 25.47 18.02 -2.83
CA HIS C 225 26.77 17.51 -2.43
C HIS C 225 26.80 15.99 -2.58
N LYS C 226 25.70 15.33 -2.25
CA LYS C 226 25.58 13.89 -2.48
C LYS C 226 25.67 13.58 -3.95
N ALA C 227 24.98 14.35 -4.77
CA ALA C 227 24.96 14.10 -6.22
C ALA C 227 26.35 14.30 -6.82
N ILE C 228 27.06 15.38 -6.48
CA ILE C 228 28.39 15.59 -7.03
C ILE C 228 29.31 14.45 -6.67
N VAL C 229 29.34 14.06 -5.39
CA VAL C 229 30.26 13.02 -4.96
C VAL C 229 29.81 11.66 -5.47
N ASP C 230 28.51 11.38 -5.41
CA ASP C 230 28.00 10.11 -5.94
C ASP C 230 28.37 9.94 -7.40
N TYR C 231 28.30 11.03 -8.17
CA TYR C 231 28.66 10.99 -9.58
C TYR C 231 30.10 10.52 -9.78
N TRP C 232 31.05 11.21 -9.15
CA TRP C 232 32.45 10.81 -9.26
C TRP C 232 32.66 9.37 -8.81
N PHE C 233 31.94 8.94 -7.78
CA PHE C 233 32.11 7.58 -7.23
C PHE C 233 31.58 6.54 -8.19
N MET C 234 30.40 6.78 -8.75
CA MET C 234 29.80 5.83 -9.66
C MET C 234 30.55 5.77 -10.99
N ARG C 235 31.07 6.90 -11.47
CA ARG C 235 31.80 6.93 -12.73
C ARG C 235 33.07 6.09 -12.67
N HIS C 236 33.57 5.80 -11.48
CA HIS C 236 34.69 4.89 -11.30
C HIS C 236 34.25 3.52 -10.84
N GLY C 237 32.98 3.19 -11.02
CA GLY C 237 32.48 1.87 -10.69
C GLY C 237 32.04 1.64 -9.26
N GLY C 238 32.04 2.66 -8.41
CA GLY C 238 31.50 2.48 -7.08
C GLY C 238 29.98 2.40 -7.13
N VAL C 239 29.42 1.54 -6.29
CA VAL C 239 27.97 1.39 -6.20
C VAL C 239 27.51 1.91 -4.85
N VAL C 240 26.49 2.75 -4.86
CA VAL C 240 25.99 3.39 -3.66
C VAL C 240 25.03 2.43 -2.96
N PRO C 241 25.29 2.04 -1.72
CA PRO C 241 24.40 1.11 -1.04
C PRO C 241 23.02 1.72 -0.84
N PRO C 242 22.00 0.89 -0.70
CA PRO C 242 20.64 1.41 -0.59
C PRO C 242 20.29 1.93 0.79
N TYR C 243 21.18 1.81 1.76
CA TYR C 243 20.88 2.10 3.16
C TYR C 243 22.16 2.05 3.95
N PHE C 244 22.29 2.92 4.94
CA PHE C 244 23.45 2.89 5.84
C PHE C 244 22.99 2.60 7.26
N GLU C 245 23.44 1.48 7.80
CA GLU C 245 23.07 1.11 9.15
C GLU C 245 23.91 1.85 10.18
N GLU C 246 23.40 1.87 11.40
CA GLU C 246 24.07 2.40 12.57
C GLU C 246 25.47 1.81 12.71
N SER C 247 26.45 2.67 13.00
CA SER C 247 27.81 2.20 13.26
C SER C 247 27.85 1.41 14.57
N LYS C 248 28.78 0.46 14.62
CA LYS C 248 28.82 -0.51 15.71
C LYS C 248 29.49 0.06 16.96
N GLY C 249 29.15 -0.54 18.08
CA GLY C 249 29.88 -0.34 19.32
C GLY C 249 31.11 -1.23 19.38
N TYR C 250 31.57 -1.50 20.60
CA TYR C 250 32.90 -2.09 20.75
C TYR C 250 32.92 -3.57 20.34
N GLU C 251 32.22 -4.43 21.06
CA GLU C 251 32.10 -5.83 20.60
C GLU C 251 30.71 -6.09 20.05
#